data_1UW4
#
_entry.id   1UW4
#
_cell.length_a   70.306
_cell.length_b   100.178
_cell.length_c   153.458
_cell.angle_alpha   90.00
_cell.angle_beta   90.00
_cell.angle_gamma   90.00
#
_symmetry.space_group_name_H-M   'P 21 21 2'
#
loop_
_entity.id
_entity.type
_entity.pdbx_description
1 polymer UPF3X
2 polymer 'REGULATOR OF NONSENSE TRANSCRIPTS 2'
3 non-polymer BETA-MERCAPTOETHANOL
4 water water
#
loop_
_entity_poly.entity_id
_entity_poly.type
_entity_poly.pdbx_seq_one_letter_code
_entity_poly.pdbx_strand_id
1 'polypeptide(L)'
;LSKVVIRRLPPTLTKEQLQEHLQPMPEHDYFEFFSNDTSLYPHMYARAYINFKNQEDIILFRDRFDGYVFLDNKGQEYPA
IVEFAPFQKAA
;
A,C
2 'polypeptide(L)'
;RPPLQEYVRKLLYKDLSKVTTEKVLRQMRKLPWQDQEVKDYVICCMINIWNVKYNSIHCVANLLAGLVLYQEDVGIHVVD
GVLEDIRLGMEVNQPKFNQRRISSAKFLGELYNYRMVESAVIFRTLYSFTSFGVNPDGSPSSLDPPEHLFRIRLVCTILD
TCGQYFDRGSSKRKLDCFLVYFQRYVWWKKSLEVWTKDHPFPIDIDYMISDTLELLRPKIKLCNSLEESIRQVQDLEREF
LIKLGLVN
;
B,D
#
# COMPACT_ATOMS: atom_id res chain seq x y z
N LEU A 1 5.04 -5.84 -20.03
CA LEU A 1 5.80 -6.94 -19.37
C LEU A 1 5.38 -8.31 -19.91
N SER A 2 6.28 -8.99 -20.63
CA SER A 2 6.01 -10.34 -21.15
C SER A 2 6.98 -11.43 -20.66
N LYS A 3 8.15 -11.03 -20.15
CA LYS A 3 9.16 -11.98 -19.72
C LYS A 3 8.93 -12.44 -18.28
N VAL A 4 8.76 -13.76 -18.11
CA VAL A 4 8.39 -14.38 -16.83
C VAL A 4 9.47 -15.39 -16.40
N VAL A 5 9.88 -15.31 -15.13
CA VAL A 5 10.83 -16.27 -14.57
C VAL A 5 10.13 -17.28 -13.68
N ILE A 6 10.56 -18.53 -13.77
CA ILE A 6 10.15 -19.58 -12.86
C ILE A 6 11.42 -20.14 -12.21
N ARG A 7 11.54 -19.90 -10.90
CA ARG A 7 12.81 -20.03 -10.17
C ARG A 7 12.70 -20.87 -8.87
N ARG A 8 13.86 -21.21 -8.30
CA ARG A 8 13.97 -22.12 -7.15
C ARG A 8 13.52 -23.56 -7.53
N LEU A 9 13.78 -23.94 -8.78
CA LEU A 9 13.55 -25.32 -9.25
C LEU A 9 14.67 -26.22 -8.74
N PRO A 10 14.45 -27.53 -8.65
CA PRO A 10 15.51 -28.46 -8.23
C PRO A 10 16.77 -28.30 -9.10
N PRO A 11 17.95 -28.34 -8.49
CA PRO A 11 19.21 -28.08 -9.21
C PRO A 11 19.57 -29.09 -10.29
N THR A 12 18.98 -30.29 -10.26
CA THR A 12 19.22 -31.31 -11.27
C THR A 12 18.00 -31.54 -12.17
N LEU A 13 17.04 -30.63 -12.15
CA LEU A 13 15.97 -30.66 -13.15
C LEU A 13 16.57 -30.22 -14.50
N THR A 14 16.04 -30.75 -15.59
CA THR A 14 16.48 -30.41 -16.94
C THR A 14 15.37 -29.66 -17.66
N LYS A 15 15.72 -28.94 -18.72
CA LYS A 15 14.74 -28.21 -19.53
C LYS A 15 13.60 -29.13 -20.00
N GLU A 16 13.94 -30.33 -20.47
CA GLU A 16 12.96 -31.25 -21.03
C GLU A 16 11.98 -31.75 -19.97
N GLN A 17 12.49 -32.13 -18.80
CA GLN A 17 11.64 -32.55 -17.68
C GLN A 17 10.69 -31.43 -17.25
N LEU A 18 11.19 -30.19 -17.27
CA LEU A 18 10.39 -29.00 -16.95
C LEU A 18 9.25 -28.85 -17.94
N GLN A 19 9.55 -29.09 -19.22
CA GLN A 19 8.56 -28.99 -20.29
C GLN A 19 7.42 -30.00 -20.08
N GLU A 20 7.76 -31.22 -19.67
CA GLU A 20 6.76 -32.27 -19.43
C GLU A 20 5.76 -31.86 -18.36
N HIS A 21 6.23 -31.12 -17.35
CA HIS A 21 5.38 -30.63 -16.27
C HIS A 21 4.50 -29.45 -16.71
N LEU A 22 5.04 -28.59 -17.56
CA LEU A 22 4.38 -27.34 -17.95
C LEU A 22 3.28 -27.51 -19.00
N GLN A 23 3.37 -28.54 -19.84
CA GLN A 23 2.47 -28.66 -20.99
C GLN A 23 1.03 -28.92 -20.51
N PRO A 24 0.01 -28.42 -21.24
CA PRO A 24 0.18 -27.71 -22.52
C PRO A 24 0.78 -26.30 -22.38
N MET A 25 1.85 -26.03 -23.12
CA MET A 25 2.53 -24.76 -23.06
C MET A 25 1.76 -23.69 -23.85
N PRO A 26 1.64 -22.49 -23.28
CA PRO A 26 1.01 -21.37 -23.99
C PRO A 26 1.94 -20.82 -25.06
N GLU A 27 1.43 -19.99 -25.97
CA GLU A 27 2.25 -19.46 -27.06
C GLU A 27 3.39 -18.62 -26.49
N HIS A 28 4.63 -18.89 -26.93
CA HIS A 28 5.81 -18.17 -26.45
C HIS A 28 6.90 -17.94 -27.52
N ASP A 29 7.53 -16.77 -27.45
CA ASP A 29 8.70 -16.41 -28.27
C ASP A 29 9.95 -17.19 -27.88
N TYR A 30 10.15 -17.34 -26.57
CA TYR A 30 11.43 -17.72 -25.98
C TYR A 30 11.19 -18.66 -24.78
N PHE A 31 12.11 -19.59 -24.53
CA PHE A 31 12.00 -20.53 -23.40
C PHE A 31 13.33 -21.24 -23.21
N GLU A 32 14.07 -20.84 -22.18
CA GLU A 32 15.41 -21.33 -21.93
C GLU A 32 15.66 -21.62 -20.44
N PHE A 33 16.51 -22.61 -20.19
CA PHE A 33 16.77 -23.16 -18.87
C PHE A 33 18.16 -22.72 -18.38
N PHE A 34 18.28 -22.38 -17.10
CA PHE A 34 19.56 -21.98 -16.50
C PHE A 34 19.78 -22.61 -15.14
N SER A 35 21.03 -22.94 -14.83
CA SER A 35 21.42 -23.48 -13.53
C SER A 35 22.93 -23.39 -13.29
N ASN A 36 23.37 -23.82 -12.11
CA ASN A 36 24.78 -23.89 -11.75
C ASN A 36 25.57 -22.61 -12.05
N ASP A 37 24.96 -21.45 -11.86
CA ASP A 37 25.60 -20.17 -12.20
C ASP A 37 25.65 -19.14 -11.06
N THR A 38 25.26 -19.57 -9.86
CA THR A 38 25.25 -18.69 -8.70
C THR A 38 26.64 -18.47 -8.09
N SER A 39 26.76 -17.39 -7.33
CA SER A 39 27.92 -17.13 -6.48
C SER A 39 27.75 -17.58 -5.02
N LEU A 40 26.67 -18.29 -4.72
CA LEU A 40 26.30 -18.60 -3.35
C LEU A 40 26.27 -20.11 -3.07
N TYR A 41 27.21 -20.86 -3.67
CA TYR A 41 27.36 -22.31 -3.39
C TYR A 41 27.50 -22.56 -1.89
N PRO A 42 26.89 -23.62 -1.32
CA PRO A 42 26.16 -24.69 -2.03
C PRO A 42 24.63 -24.52 -2.23
N HIS A 43 24.12 -23.30 -2.24
CA HIS A 43 22.69 -23.06 -2.43
C HIS A 43 22.32 -23.05 -3.92
N MET A 44 22.11 -24.25 -4.45
CA MET A 44 21.96 -24.49 -5.88
C MET A 44 20.51 -24.63 -6.29
N TYR A 45 20.10 -23.80 -7.25
CA TYR A 45 18.77 -23.86 -7.82
C TYR A 45 18.82 -23.70 -9.35
N ALA A 46 17.73 -24.09 -10.00
CA ALA A 46 17.59 -23.97 -11.45
C ALA A 46 16.40 -23.09 -11.73
N ARG A 47 16.33 -22.55 -12.94
CA ARG A 47 15.29 -21.60 -13.31
C ARG A 47 15.11 -21.47 -14.82
N ALA A 48 14.07 -20.75 -15.22
CA ALA A 48 13.78 -20.59 -16.63
C ALA A 48 13.09 -19.27 -16.91
N TYR A 49 13.22 -18.82 -18.15
CA TYR A 49 12.55 -17.61 -18.62
C TYR A 49 11.69 -17.96 -19.82
N ILE A 50 10.51 -17.38 -19.85
CA ILE A 50 9.53 -17.56 -20.92
C ILE A 50 9.00 -16.18 -21.29
N ASN A 51 8.97 -15.88 -22.58
CA ASN A 51 8.41 -14.62 -23.04
C ASN A 51 7.06 -14.91 -23.71
N PHE A 52 5.97 -14.52 -23.03
CA PHE A 52 4.61 -14.86 -23.44
C PHE A 52 4.14 -13.91 -24.53
N LYS A 53 3.23 -14.39 -25.39
CA LYS A 53 2.69 -13.59 -26.50
C LYS A 53 1.49 -12.72 -26.10
N ASN A 54 0.61 -13.25 -25.26
CA ASN A 54 -0.56 -12.51 -24.76
C ASN A 54 -0.49 -12.33 -23.23
N GLN A 55 -1.18 -11.30 -22.74
CA GLN A 55 -1.15 -10.96 -21.31
C GLN A 55 -2.04 -11.86 -20.44
N GLU A 56 -3.19 -12.30 -20.97
CA GLU A 56 -4.11 -13.13 -20.19
C GLU A 56 -3.55 -14.53 -19.91
N ASP A 57 -2.65 -15.00 -20.79
CA ASP A 57 -1.99 -16.30 -20.60
C ASP A 57 -1.00 -16.32 -19.43
N ILE A 58 -0.47 -15.15 -19.05
CA ILE A 58 0.50 -15.05 -17.95
C ILE A 58 -0.20 -15.29 -16.60
N ILE A 59 -1.35 -14.66 -16.42
CA ILE A 59 -2.12 -14.83 -15.19
C ILE A 59 -2.49 -16.31 -15.00
N LEU A 60 -2.91 -16.96 -16.08
CA LEU A 60 -3.22 -18.39 -16.03
C LEU A 60 -2.01 -19.24 -15.64
N PHE A 61 -0.85 -18.90 -16.18
CA PHE A 61 0.37 -19.68 -15.96
C PHE A 61 0.85 -19.66 -14.50
N ARG A 62 0.73 -18.52 -13.82
CA ARG A 62 1.16 -18.45 -12.43
C ARG A 62 0.09 -18.94 -11.45
N ASP A 63 -1.19 -18.85 -11.84
CA ASP A 63 -2.27 -19.54 -11.11
C ASP A 63 -2.00 -21.05 -11.05
N ARG A 64 -1.42 -21.58 -12.12
CA ARG A 64 -1.15 -23.01 -12.26
C ARG A 64 0.16 -23.48 -11.63
N PHE A 65 1.24 -22.70 -11.79
CA PHE A 65 2.61 -23.17 -11.44
C PHE A 65 3.34 -22.43 -10.30
N ASP A 66 2.79 -21.31 -9.81
CA ASP A 66 3.35 -20.67 -8.62
C ASP A 66 2.98 -21.51 -7.41
N GLY A 67 4.00 -22.08 -6.75
CA GLY A 67 3.80 -22.97 -5.62
C GLY A 67 3.75 -24.45 -5.99
N TYR A 68 3.72 -24.76 -7.28
CA TYR A 68 3.75 -26.15 -7.78
C TYR A 68 5.01 -26.87 -7.28
N VAL A 69 4.82 -28.01 -6.64
CA VAL A 69 5.93 -28.70 -6.00
C VAL A 69 6.62 -29.65 -6.97
N PHE A 70 7.86 -29.32 -7.31
CA PHE A 70 8.75 -30.21 -8.05
C PHE A 70 9.53 -31.06 -7.05
N LEU A 71 10.05 -32.21 -7.50
CA LEU A 71 10.87 -33.08 -6.67
C LEU A 71 12.22 -33.34 -7.34
N ASP A 72 13.26 -33.56 -6.53
CA ASP A 72 14.53 -34.09 -7.04
C ASP A 72 14.55 -35.60 -6.80
N ASN A 73 15.68 -36.26 -7.10
CA ASN A 73 15.80 -37.72 -6.94
C ASN A 73 15.39 -38.19 -5.54
N LYS A 74 15.89 -37.50 -4.51
CA LYS A 74 15.78 -37.98 -3.12
C LYS A 74 14.45 -37.63 -2.42
N GLY A 75 13.53 -36.97 -3.13
CA GLY A 75 12.20 -36.68 -2.61
C GLY A 75 12.06 -35.39 -1.82
N GLN A 76 13.07 -34.53 -1.88
CA GLN A 76 13.02 -33.21 -1.24
C GLN A 76 12.08 -32.33 -2.05
N GLU A 77 11.26 -31.54 -1.35
CA GLU A 77 10.27 -30.68 -2.01
C GLU A 77 10.89 -29.34 -2.43
N TYR A 78 10.48 -28.86 -3.61
CA TYR A 78 10.93 -27.59 -4.17
C TYR A 78 9.73 -26.85 -4.73
N PRO A 79 9.03 -26.08 -3.91
CA PRO A 79 7.99 -25.18 -4.42
C PRO A 79 8.61 -24.14 -5.36
N ALA A 80 8.07 -24.03 -6.58
CA ALA A 80 8.57 -23.07 -7.55
C ALA A 80 7.99 -21.69 -7.26
N ILE A 81 8.68 -20.66 -7.73
CA ILE A 81 8.19 -19.29 -7.67
C ILE A 81 8.07 -18.77 -9.10
N VAL A 82 6.96 -18.13 -9.42
CA VAL A 82 6.72 -17.54 -10.73
C VAL A 82 6.41 -16.03 -10.58
N GLU A 83 7.25 -15.21 -11.21
CA GLU A 83 7.13 -13.75 -11.17
C GLU A 83 7.53 -13.18 -12.53
N PHE A 84 7.24 -11.90 -12.77
CA PHE A 84 7.89 -11.22 -13.90
C PHE A 84 9.39 -11.17 -13.63
N ALA A 85 10.19 -11.43 -14.67
CA ALA A 85 11.63 -11.26 -14.59
C ALA A 85 11.99 -9.80 -14.23
N PRO A 86 12.98 -9.60 -13.35
CA PRO A 86 13.43 -8.25 -12.99
C PRO A 86 14.10 -7.48 -14.15
N PHE A 87 14.62 -8.20 -15.14
CA PHE A 87 15.16 -7.59 -16.37
C PHE A 87 14.31 -8.11 -17.52
N GLN A 88 13.70 -7.21 -18.27
CA GLN A 88 12.70 -7.61 -19.25
C GLN A 88 13.23 -7.84 -20.68
N LYS A 89 14.52 -7.63 -20.89
CA LYS A 89 15.10 -7.78 -22.23
C LYS A 89 15.22 -9.26 -22.60
N ALA A 90 14.74 -9.60 -23.79
CA ALA A 90 14.74 -10.97 -24.30
C ALA A 90 16.00 -11.31 -25.09
N ALA A 91 16.49 -12.54 -24.92
CA ALA A 91 17.62 -13.05 -25.70
C ALA A 91 17.17 -13.67 -27.04
N ARG B 1 42.29 -28.49 -14.25
CA ARG B 1 41.30 -27.47 -14.75
C ARG B 1 41.49 -27.18 -16.24
N PRO B 2 40.44 -27.30 -17.06
CA PRO B 2 40.58 -27.23 -18.52
C PRO B 2 41.09 -25.88 -19.04
N PRO B 3 41.86 -25.89 -20.13
CA PRO B 3 42.60 -24.70 -20.58
C PRO B 3 41.75 -23.45 -20.81
N LEU B 4 40.57 -23.59 -21.41
CA LEU B 4 39.73 -22.42 -21.67
C LEU B 4 39.20 -21.81 -20.38
N GLN B 5 38.95 -22.64 -19.36
CA GLN B 5 38.49 -22.16 -18.06
C GLN B 5 39.58 -21.33 -17.37
N GLU B 6 40.83 -21.79 -17.43
CA GLU B 6 41.93 -21.04 -16.83
C GLU B 6 42.18 -19.74 -17.59
N TYR B 7 41.95 -19.76 -18.90
CA TYR B 7 42.11 -18.59 -19.75
C TYR B 7 41.08 -17.51 -19.41
N VAL B 8 39.80 -17.88 -19.41
CA VAL B 8 38.72 -16.94 -19.03
C VAL B 8 38.98 -16.37 -17.63
N ARG B 9 39.26 -17.25 -16.67
CA ARG B 9 39.57 -16.84 -15.28
C ARG B 9 40.71 -15.84 -15.19
N LYS B 10 41.75 -16.06 -16.00
CA LYS B 10 42.92 -15.20 -15.99
C LYS B 10 42.58 -13.83 -16.58
N LEU B 11 41.83 -13.80 -17.68
CA LEU B 11 41.44 -12.55 -18.31
C LEU B 11 40.58 -11.69 -17.37
N LEU B 12 39.59 -12.30 -16.73
CA LEU B 12 38.61 -11.55 -15.95
C LEU B 12 39.09 -11.19 -14.54
N TYR B 13 39.81 -12.11 -13.89
CA TYR B 13 40.14 -11.96 -12.47
C TYR B 13 41.58 -11.49 -12.23
N LYS B 14 42.43 -11.54 -13.25
CA LYS B 14 43.84 -11.15 -13.09
C LYS B 14 44.27 -10.03 -14.04
N ASP B 15 44.13 -10.25 -15.35
CA ASP B 15 44.60 -9.29 -16.35
C ASP B 15 43.78 -8.00 -16.38
N LEU B 16 42.46 -8.12 -16.21
CA LEU B 16 41.54 -7.00 -16.46
C LEU B 16 41.70 -5.88 -15.44
N SER B 17 41.99 -4.68 -15.95
CA SER B 17 42.11 -3.47 -15.15
C SER B 17 41.74 -2.28 -16.03
N LYS B 18 41.81 -1.08 -15.45
CA LYS B 18 41.47 0.14 -16.19
C LYS B 18 42.41 0.36 -17.38
N VAL B 19 43.65 -0.14 -17.27
CA VAL B 19 44.66 0.11 -18.28
C VAL B 19 44.79 -1.00 -19.36
N THR B 20 44.16 -2.16 -19.14
CA THR B 20 44.22 -3.27 -20.12
C THR B 20 42.87 -3.57 -20.75
N THR B 21 41.89 -2.67 -20.60
CA THR B 21 40.51 -3.00 -21.00
C THR B 21 40.38 -3.34 -22.48
N GLU B 22 41.10 -2.61 -23.33
CA GLU B 22 41.05 -2.80 -24.78
C GLU B 22 41.67 -4.14 -25.22
N LYS B 23 42.76 -4.54 -24.56
CA LYS B 23 43.42 -5.83 -24.82
C LYS B 23 42.54 -7.02 -24.39
N VAL B 24 41.91 -6.92 -23.22
CA VAL B 24 41.07 -8.02 -22.72
C VAL B 24 39.85 -8.19 -23.63
N LEU B 25 39.26 -7.06 -24.05
CA LEU B 25 38.13 -7.03 -24.96
C LEU B 25 38.43 -7.78 -26.26
N ARG B 26 39.56 -7.42 -26.89
CA ARG B 26 40.00 -8.08 -28.10
C ARG B 26 40.04 -9.60 -27.94
N GLN B 27 40.61 -10.04 -26.82
CA GLN B 27 40.76 -11.47 -26.54
C GLN B 27 39.43 -12.16 -26.28
N MET B 28 38.53 -11.50 -25.56
CA MET B 28 37.23 -12.10 -25.26
C MET B 28 36.44 -12.31 -26.55
N ARG B 29 36.53 -11.33 -27.44
CA ARG B 29 35.86 -11.40 -28.76
C ARG B 29 36.22 -12.65 -29.55
N LYS B 30 37.49 -13.04 -29.54
CA LYS B 30 37.95 -14.20 -30.32
C LYS B 30 37.71 -15.57 -29.66
N LEU B 31 37.11 -15.59 -28.48
CA LEU B 31 36.78 -16.86 -27.82
C LEU B 31 35.82 -17.66 -28.71
N PRO B 32 35.84 -18.99 -28.59
CA PRO B 32 34.84 -19.81 -29.28
C PRO B 32 33.46 -19.69 -28.64
N TRP B 33 32.70 -18.66 -29.01
CA TRP B 33 31.37 -18.42 -28.47
C TRP B 33 30.33 -19.42 -28.97
N GLN B 34 30.70 -20.23 -29.96
CA GLN B 34 29.81 -21.24 -30.52
C GLN B 34 29.87 -22.51 -29.65
N ASP B 35 30.96 -22.67 -28.90
CA ASP B 35 31.05 -23.70 -27.88
C ASP B 35 30.20 -23.29 -26.67
N GLN B 36 29.09 -23.99 -26.44
CA GLN B 36 28.14 -23.60 -25.38
C GLN B 36 28.75 -23.67 -23.98
N GLU B 37 29.61 -24.65 -23.72
CA GLU B 37 30.29 -24.77 -22.42
C GLU B 37 31.16 -23.55 -22.10
N VAL B 38 31.78 -23.00 -23.14
CA VAL B 38 32.66 -21.83 -22.99
C VAL B 38 31.85 -20.55 -22.75
N LYS B 39 30.75 -20.39 -23.49
CA LYS B 39 29.87 -19.24 -23.32
C LYS B 39 29.27 -19.25 -21.91
N ASP B 40 28.83 -20.44 -21.48
CA ASP B 40 28.27 -20.64 -20.12
C ASP B 40 29.28 -20.31 -19.04
N TYR B 41 30.54 -20.67 -19.26
CA TYR B 41 31.59 -20.45 -18.26
C TYR B 41 31.92 -18.98 -18.06
N VAL B 42 31.91 -18.21 -19.14
CA VAL B 42 32.17 -16.77 -19.08
C VAL B 42 31.02 -16.07 -18.33
N ILE B 43 29.80 -16.45 -18.65
CA ILE B 43 28.61 -15.89 -18.00
C ILE B 43 28.70 -16.13 -16.51
N CYS B 44 29.03 -17.36 -16.16
CA CYS B 44 29.15 -17.78 -14.77
C CYS B 44 30.27 -17.03 -14.06
N CYS B 45 31.40 -16.80 -14.72
CA CYS B 45 32.51 -16.05 -14.13
C CYS B 45 32.17 -14.58 -13.88
N MET B 46 31.36 -14.00 -14.74
CA MET B 46 30.96 -12.60 -14.59
C MET B 46 29.92 -12.44 -13.49
N ILE B 47 29.05 -13.43 -13.31
CA ILE B 47 28.06 -13.37 -12.23
C ILE B 47 28.78 -13.48 -10.90
N ASN B 48 29.85 -14.30 -10.88
CA ASN B 48 30.73 -14.44 -9.72
C ASN B 48 31.73 -13.30 -9.63
N ILE B 49 31.21 -12.09 -9.64
CA ILE B 49 31.96 -10.84 -9.66
C ILE B 49 32.77 -10.58 -8.38
N TRP B 50 32.45 -11.32 -7.32
CA TRP B 50 33.20 -11.22 -6.06
C TRP B 50 34.70 -11.57 -6.19
N ASN B 51 35.03 -12.37 -7.21
CA ASN B 51 36.42 -12.72 -7.49
C ASN B 51 37.24 -11.54 -8.00
N VAL B 52 36.56 -10.48 -8.40
CA VAL B 52 37.21 -9.28 -8.92
C VAL B 52 37.37 -8.26 -7.81
N LYS B 53 38.55 -7.65 -7.73
CA LYS B 53 38.77 -6.54 -6.81
C LYS B 53 37.64 -5.52 -6.94
N TYR B 54 37.26 -4.90 -5.83
CA TYR B 54 36.13 -3.97 -5.78
C TYR B 54 36.28 -2.79 -6.75
N ASN B 55 37.47 -2.19 -6.77
CA ASN B 55 37.76 -1.03 -7.61
C ASN B 55 37.90 -1.32 -9.10
N SER B 56 37.82 -2.59 -9.49
CA SER B 56 37.86 -3.00 -10.89
C SER B 56 36.57 -3.65 -11.34
N ILE B 57 35.57 -3.68 -10.46
CA ILE B 57 34.24 -4.15 -10.84
C ILE B 57 33.70 -3.36 -12.03
N HIS B 58 33.91 -2.05 -12.04
CA HIS B 58 33.42 -1.20 -13.12
C HIS B 58 34.04 -1.55 -14.49
N CYS B 59 35.28 -2.05 -14.46
CA CYS B 59 35.96 -2.52 -15.68
C CYS B 59 35.24 -3.73 -16.31
N VAL B 60 34.60 -4.58 -15.49
CA VAL B 60 33.83 -5.71 -16.03
C VAL B 60 32.54 -5.21 -16.70
N ALA B 61 31.88 -4.21 -16.12
CA ALA B 61 30.71 -3.62 -16.77
C ALA B 61 31.06 -2.98 -18.12
N ASN B 62 32.17 -2.25 -18.16
CA ASN B 62 32.71 -1.61 -19.37
C ASN B 62 33.09 -2.65 -20.45
N LEU B 63 33.74 -3.72 -20.01
CA LEU B 63 34.11 -4.81 -20.92
C LEU B 63 32.85 -5.44 -21.50
N LEU B 64 31.83 -5.62 -20.68
CA LEU B 64 30.58 -6.21 -21.14
C LEU B 64 29.89 -5.30 -22.16
N ALA B 65 29.99 -3.99 -21.98
CA ALA B 65 29.39 -3.01 -22.92
C ALA B 65 30.05 -3.03 -24.30
N GLY B 66 31.36 -3.31 -24.33
CA GLY B 66 32.06 -3.48 -25.60
C GLY B 66 31.71 -4.82 -26.24
N LEU B 67 31.54 -5.83 -25.40
CA LEU B 67 31.35 -7.20 -25.85
C LEU B 67 29.96 -7.45 -26.43
N VAL B 68 28.94 -6.75 -25.91
CA VAL B 68 27.55 -6.98 -26.36
C VAL B 68 27.29 -6.43 -27.76
N LEU B 69 28.24 -5.69 -28.31
CA LEU B 69 28.20 -5.32 -29.73
C LEU B 69 28.31 -6.57 -30.63
N TYR B 70 29.01 -7.60 -30.15
CA TYR B 70 29.21 -8.84 -30.92
C TYR B 70 28.50 -10.06 -30.33
N GLN B 71 28.17 -10.00 -29.05
CA GLN B 71 27.64 -11.14 -28.32
C GLN B 71 26.59 -10.59 -27.33
N GLU B 72 25.48 -10.11 -27.86
CA GLU B 72 24.45 -9.45 -27.04
C GLU B 72 23.79 -10.40 -26.03
N ASP B 73 23.58 -11.65 -26.44
CA ASP B 73 22.96 -12.64 -25.54
C ASP B 73 23.74 -12.82 -24.24
N VAL B 74 25.07 -12.70 -24.30
CA VAL B 74 25.92 -12.86 -23.13
C VAL B 74 25.59 -11.83 -22.06
N GLY B 75 25.43 -10.58 -22.47
CA GLY B 75 25.09 -9.49 -21.57
C GLY B 75 23.74 -9.65 -20.89
N ILE B 76 22.75 -10.09 -21.65
CA ILE B 76 21.42 -10.36 -21.09
C ILE B 76 21.51 -11.43 -20.00
N HIS B 77 22.23 -12.51 -20.27
CA HIS B 77 22.35 -13.62 -19.34
C HIS B 77 23.10 -13.23 -18.07
N VAL B 78 24.09 -12.35 -18.19
CA VAL B 78 24.83 -11.89 -17.03
C VAL B 78 23.93 -11.02 -16.14
N VAL B 79 23.20 -10.08 -16.72
CA VAL B 79 22.27 -9.22 -15.97
C VAL B 79 21.19 -10.05 -15.29
N ASP B 80 20.55 -10.96 -16.03
CA ASP B 80 19.59 -11.91 -15.46
C ASP B 80 20.18 -12.69 -14.28
N GLY B 81 21.45 -13.08 -14.40
CA GLY B 81 22.13 -13.87 -13.38
C GLY B 81 22.46 -13.08 -12.12
N VAL B 82 22.94 -11.85 -12.30
CA VAL B 82 23.25 -10.98 -11.16
C VAL B 82 21.97 -10.66 -10.35
N LEU B 83 20.86 -10.43 -11.03
CA LEU B 83 19.62 -10.10 -10.34
C LEU B 83 19.04 -11.33 -9.59
N GLU B 84 19.23 -12.51 -10.17
CA GLU B 84 18.84 -13.76 -9.51
C GLU B 84 19.69 -13.96 -8.25
N ASP B 85 20.98 -13.62 -8.34
CA ASP B 85 21.89 -13.74 -7.19
C ASP B 85 21.57 -12.76 -6.05
N ILE B 86 21.11 -11.56 -6.40
CA ILE B 86 20.74 -10.54 -5.40
C ILE B 86 19.48 -11.02 -4.64
N ARG B 87 18.56 -11.65 -5.37
CA ARG B 87 17.32 -12.18 -4.78
C ARG B 87 17.63 -13.41 -3.90
N LEU B 88 18.42 -14.36 -4.44
CA LEU B 88 18.83 -15.55 -3.70
C LEU B 88 19.62 -15.19 -2.43
N GLY B 89 20.42 -14.14 -2.51
CA GLY B 89 21.21 -13.65 -1.40
C GLY B 89 20.36 -13.22 -0.20
N MET B 90 19.20 -12.63 -0.48
CA MET B 90 18.22 -12.32 0.58
C MET B 90 17.54 -13.58 1.16
N GLU B 91 17.32 -14.59 0.33
CA GLU B 91 16.70 -15.85 0.80
C GLU B 91 17.66 -16.66 1.69
N VAL B 92 18.95 -16.57 1.40
CA VAL B 92 20.00 -17.32 2.10
C VAL B 92 20.45 -16.54 3.33
N ASN B 93 20.88 -15.32 3.11
CA ASN B 93 21.15 -14.34 4.17
C ASN B 93 22.03 -14.86 5.30
N GLN B 94 23.12 -15.52 4.90
CA GLN B 94 24.15 -15.94 5.83
C GLN B 94 25.30 -14.95 5.75
N PRO B 95 25.76 -14.45 6.90
CA PRO B 95 26.85 -13.45 6.93
C PRO B 95 28.17 -13.84 6.23
N LYS B 96 28.49 -15.12 6.06
CA LYS B 96 29.70 -15.47 5.31
C LYS B 96 29.66 -14.96 3.86
N PHE B 97 28.47 -14.69 3.34
CA PHE B 97 28.29 -14.20 1.96
C PHE B 97 28.16 -12.68 1.83
N ASN B 98 28.40 -11.93 2.91
CA ASN B 98 28.26 -10.48 2.91
C ASN B 98 29.10 -9.76 1.84
N GLN B 99 30.40 -10.06 1.79
CA GLN B 99 31.29 -9.47 0.77
C GLN B 99 30.82 -9.80 -0.65
N ARG B 100 30.40 -11.03 -0.90
CA ARG B 100 29.94 -11.42 -2.24
C ARG B 100 28.67 -10.67 -2.65
N ARG B 101 27.75 -10.46 -1.71
CA ARG B 101 26.46 -9.83 -2.01
C ARG B 101 26.63 -8.36 -2.27
N ILE B 102 27.52 -7.72 -1.53
CA ILE B 102 27.87 -6.33 -1.76
C ILE B 102 28.50 -6.14 -3.13
N SER B 103 29.40 -7.04 -3.52
CA SER B 103 30.03 -7.00 -4.84
C SER B 103 29.00 -7.11 -5.95
N SER B 104 27.99 -7.94 -5.74
CA SER B 104 26.91 -8.08 -6.71
C SER B 104 26.07 -6.79 -6.83
N ALA B 105 25.80 -6.11 -5.72
CA ALA B 105 25.04 -4.86 -5.76
C ALA B 105 25.82 -3.76 -6.47
N LYS B 106 27.09 -3.66 -6.16
CA LYS B 106 27.97 -2.69 -6.81
C LYS B 106 28.02 -2.96 -8.33
N PHE B 107 28.16 -4.23 -8.71
CA PHE B 107 28.18 -4.63 -10.11
C PHE B 107 26.88 -4.21 -10.80
N LEU B 108 25.72 -4.41 -10.15
CA LEU B 108 24.47 -3.97 -10.77
C LEU B 108 24.47 -2.47 -10.99
N GLY B 109 24.99 -1.72 -10.03
CA GLY B 109 25.06 -0.29 -10.16
C GLY B 109 25.96 0.14 -11.30
N GLU B 110 27.06 -0.59 -11.50
CA GLU B 110 27.98 -0.26 -12.59
C GLU B 110 27.37 -0.68 -13.93
N LEU B 111 26.54 -1.72 -13.92
CA LEU B 111 25.82 -2.13 -15.12
C LEU B 111 24.84 -1.03 -15.56
N TYR B 112 24.26 -0.28 -14.62
CA TYR B 112 23.49 0.91 -14.98
C TYR B 112 24.41 2.00 -15.55
N ASN B 113 25.57 2.21 -14.92
CA ASN B 113 26.47 3.29 -15.34
C ASN B 113 27.01 3.14 -16.76
N TYR B 114 27.16 1.89 -17.22
CA TYR B 114 27.71 1.60 -18.56
C TYR B 114 26.59 1.15 -19.51
N ARG B 115 25.35 1.51 -19.15
CA ARG B 115 24.15 1.44 -20.00
C ARG B 115 23.70 0.03 -20.37
N MET B 116 24.00 -0.94 -19.51
CA MET B 116 23.58 -2.32 -19.72
C MET B 116 22.18 -2.56 -19.16
N VAL B 117 21.77 -1.75 -18.18
CA VAL B 117 20.39 -1.76 -17.69
C VAL B 117 19.86 -0.35 -17.51
N GLU B 118 18.55 -0.20 -17.63
CA GLU B 118 17.91 1.09 -17.45
C GLU B 118 17.52 1.27 -15.98
N SER B 119 17.17 2.51 -15.63
CA SER B 119 16.89 2.90 -14.25
C SER B 119 15.80 2.05 -13.59
N ALA B 120 14.82 1.61 -14.37
CA ALA B 120 13.75 0.76 -13.83
C ALA B 120 14.32 -0.47 -13.10
N VAL B 121 15.38 -1.06 -13.65
CA VAL B 121 16.02 -2.22 -13.02
C VAL B 121 16.61 -1.82 -11.66
N ILE B 122 17.23 -0.64 -11.58
CA ILE B 122 17.79 -0.18 -10.32
C ILE B 122 16.68 0.07 -9.25
N PHE B 123 15.58 0.70 -9.63
CA PHE B 123 14.53 1.03 -8.67
C PHE B 123 13.76 -0.21 -8.17
N ARG B 124 13.54 -1.16 -9.07
CA ARG B 124 12.96 -2.46 -8.78
C ARG B 124 13.79 -3.12 -7.67
N THR B 125 15.11 -3.07 -7.84
CA THR B 125 16.04 -3.67 -6.91
C THR B 125 16.09 -2.95 -5.54
N LEU B 126 16.08 -1.62 -5.55
CA LEU B 126 16.11 -0.81 -4.31
C LEU B 126 14.85 -1.04 -3.44
N TYR B 127 13.67 -1.02 -4.07
CA TYR B 127 12.42 -1.42 -3.43
C TYR B 127 12.46 -2.87 -2.92
N SER B 128 13.10 -3.79 -3.65
CA SER B 128 13.17 -5.18 -3.18
C SER B 128 13.93 -5.27 -1.85
N PHE B 129 14.95 -4.43 -1.69
CA PHE B 129 15.71 -4.38 -0.45
C PHE B 129 14.87 -3.91 0.75
N THR B 130 13.93 -2.99 0.52
CA THR B 130 13.08 -2.47 1.60
C THR B 130 11.76 -3.20 1.76
N SER B 131 11.43 -4.12 0.87
CA SER B 131 10.13 -4.79 0.95
C SER B 131 10.14 -6.31 0.89
N PHE B 132 11.18 -6.92 0.29
CA PHE B 132 11.14 -8.36 0.08
C PHE B 132 11.28 -9.10 1.41
N GLY B 133 10.26 -9.87 1.77
CA GLY B 133 10.29 -10.64 3.00
C GLY B 133 10.18 -9.77 4.24
N VAL B 134 9.74 -8.52 4.05
CA VAL B 134 9.57 -7.53 5.12
C VAL B 134 8.09 -7.38 5.48
N ASN B 135 7.75 -7.63 6.73
CA ASN B 135 6.35 -7.48 7.18
C ASN B 135 5.89 -6.03 7.04
N PRO B 136 4.68 -5.81 6.52
CA PRO B 136 4.23 -4.45 6.21
C PRO B 136 3.87 -3.60 7.44
N ASP B 137 3.89 -4.19 8.62
CA ASP B 137 3.77 -3.42 9.89
C ASP B 137 5.12 -3.13 10.55
N GLY B 138 6.22 -3.59 9.95
CA GLY B 138 7.54 -3.37 10.52
C GLY B 138 7.96 -4.35 11.61
N SER B 139 7.19 -5.42 11.80
CA SER B 139 7.56 -6.48 12.75
C SER B 139 8.63 -7.36 12.10
N PRO B 140 9.48 -8.00 12.89
CA PRO B 140 10.54 -8.87 12.34
C PRO B 140 9.99 -10.13 11.67
N SER B 141 10.79 -10.69 10.77
CA SER B 141 10.38 -11.81 9.93
C SER B 141 11.52 -12.80 9.76
N SER B 142 11.24 -13.90 9.08
CA SER B 142 12.23 -14.95 8.78
C SER B 142 13.45 -14.40 8.03
N LEU B 143 13.22 -13.64 6.96
CA LEU B 143 14.31 -13.07 6.15
C LEU B 143 14.88 -11.74 6.66
N ASP B 144 14.13 -11.07 7.56
CA ASP B 144 14.55 -9.78 8.15
C ASP B 144 14.38 -9.79 9.69
N PRO B 145 15.19 -10.62 10.37
CA PRO B 145 15.13 -10.70 11.82
C PRO B 145 15.69 -9.41 12.44
N PRO B 146 15.45 -9.15 13.73
CA PRO B 146 15.76 -7.87 14.39
C PRO B 146 17.15 -7.25 14.19
N GLU B 147 18.23 -7.96 14.48
CA GLU B 147 19.59 -7.36 14.40
C GLU B 147 20.23 -7.39 12.99
N HIS B 148 19.50 -7.92 12.01
CA HIS B 148 19.89 -7.90 10.62
C HIS B 148 19.64 -6.52 10.01
N LEU B 149 20.72 -5.77 9.76
CA LEU B 149 20.65 -4.44 9.19
C LEU B 149 21.23 -4.39 7.78
N PHE B 150 21.47 -5.55 7.19
CA PHE B 150 22.19 -5.64 5.91
C PHE B 150 21.44 -5.01 4.72
N ARG B 151 20.11 -4.91 4.80
CA ARG B 151 19.33 -4.28 3.73
C ARG B 151 19.75 -2.85 3.56
N ILE B 152 20.05 -2.19 4.67
CA ILE B 152 20.47 -0.81 4.69
C ILE B 152 21.82 -0.62 4.01
N ARG B 153 22.72 -1.61 4.18
CA ARG B 153 24.02 -1.60 3.51
C ARG B 153 23.88 -1.82 2.02
N LEU B 154 23.00 -2.74 1.62
CA LEU B 154 22.74 -2.98 0.22
C LEU B 154 22.19 -1.74 -0.48
N VAL B 155 21.19 -1.09 0.13
CA VAL B 155 20.61 0.11 -0.45
C VAL B 155 21.71 1.18 -0.63
N CYS B 156 22.46 1.43 0.44
CA CYS B 156 23.49 2.44 0.42
C CYS B 156 24.58 2.14 -0.63
N THR B 157 24.86 0.86 -0.84
CA THR B 157 25.83 0.45 -1.84
C THR B 157 25.39 0.84 -3.25
N ILE B 158 24.12 0.61 -3.58
CA ILE B 158 23.65 0.98 -4.92
C ILE B 158 23.58 2.50 -5.08
N LEU B 159 23.06 3.18 -4.06
CA LEU B 159 22.95 4.63 -4.09
C LEU B 159 24.32 5.32 -4.21
N ASP B 160 25.36 4.71 -3.65
CA ASP B 160 26.71 5.30 -3.69
C ASP B 160 27.38 5.11 -5.05
N THR B 161 26.90 4.10 -5.77
CA THR B 161 27.47 3.68 -7.04
C THR B 161 26.86 4.41 -8.22
N CYS B 162 25.53 4.58 -8.24
CA CYS B 162 24.85 5.18 -9.39
C CYS B 162 23.80 6.24 -9.03
N GLY B 163 23.65 6.52 -7.73
CA GLY B 163 22.61 7.41 -7.24
C GLY B 163 22.73 8.83 -7.72
N GLN B 164 23.96 9.29 -7.97
CA GLN B 164 24.23 10.64 -8.47
C GLN B 164 23.63 10.98 -9.82
N TYR B 165 23.28 9.97 -10.61
CA TYR B 165 22.65 10.20 -11.91
C TYR B 165 21.13 10.38 -11.83
N PHE B 166 20.54 10.24 -10.64
CA PHE B 166 19.09 10.37 -10.45
C PHE B 166 18.74 11.74 -9.87
N ASP B 167 19.32 12.78 -10.45
CA ASP B 167 19.18 14.13 -9.91
C ASP B 167 18.33 15.07 -10.78
N ARG B 168 17.92 14.65 -11.97
CA ARG B 168 17.06 15.46 -12.83
C ARG B 168 15.84 14.68 -13.36
N GLY B 169 14.75 15.40 -13.62
CA GLY B 169 13.60 14.85 -14.31
C GLY B 169 12.84 13.75 -13.59
N SER B 170 12.48 12.69 -14.33
CA SER B 170 11.65 11.62 -13.77
C SER B 170 12.42 10.74 -12.77
N SER B 171 13.70 10.45 -13.04
CA SER B 171 14.49 9.68 -12.08
C SER B 171 14.67 10.42 -10.74
N LYS B 172 14.65 11.75 -10.78
CA LYS B 172 14.73 12.59 -9.57
C LYS B 172 13.54 12.34 -8.64
N ARG B 173 12.33 12.39 -9.20
CA ARG B 173 11.10 12.07 -8.49
C ARG B 173 11.10 10.62 -7.97
N LYS B 174 11.60 9.68 -8.78
CA LYS B 174 11.60 8.27 -8.40
C LYS B 174 12.50 8.01 -7.21
N LEU B 175 13.66 8.66 -7.19
CA LEU B 175 14.57 8.57 -6.06
C LEU B 175 13.98 9.23 -4.82
N ASP B 176 13.39 10.41 -4.97
CA ASP B 176 12.72 11.09 -3.85
C ASP B 176 11.63 10.21 -3.22
N CYS B 177 10.83 9.55 -4.04
CA CYS B 177 9.78 8.63 -3.54
C CYS B 177 10.39 7.43 -2.81
N PHE B 178 11.43 6.83 -3.37
CA PHE B 178 12.09 5.69 -2.74
C PHE B 178 12.66 6.07 -1.36
N LEU B 179 13.28 7.23 -1.25
CA LEU B 179 13.87 7.68 0.01
C LEU B 179 12.83 7.89 1.13
N VAL B 180 11.62 8.32 0.78
CA VAL B 180 10.55 8.39 1.76
C VAL B 180 10.29 6.95 2.33
N TYR B 181 10.15 5.98 1.44
CA TYR B 181 9.99 4.57 1.86
C TYR B 181 11.20 4.00 2.64
N PHE B 182 12.40 4.37 2.22
CA PHE B 182 13.62 3.94 2.90
C PHE B 182 13.73 4.48 4.35
N GLN B 183 13.37 5.74 4.56
CA GLN B 183 13.44 6.34 5.88
C GLN B 183 12.44 5.67 6.86
N ARG B 184 11.25 5.32 6.38
CA ARG B 184 10.35 4.52 7.19
C ARG B 184 10.93 3.14 7.52
N TYR B 185 11.51 2.46 6.53
CA TYR B 185 12.12 1.13 6.74
C TYR B 185 13.16 1.21 7.86
N VAL B 186 14.00 2.24 7.80
CA VAL B 186 15.04 2.49 8.80
C VAL B 186 14.44 2.71 10.20
N TRP B 187 13.37 3.51 10.29
CA TRP B 187 12.70 3.73 11.59
C TRP B 187 11.96 2.48 12.15
N TRP B 188 11.44 1.63 11.27
CA TRP B 188 10.97 0.31 11.69
C TRP B 188 12.10 -0.49 12.40
N LYS B 189 13.27 -0.54 11.76
CA LYS B 189 14.43 -1.25 12.33
C LYS B 189 14.87 -0.63 13.66
N LYS B 190 14.94 0.70 13.70
CA LYS B 190 15.31 1.45 14.89
C LYS B 190 14.32 1.30 16.06
N SER B 191 13.05 1.08 15.75
CA SER B 191 12.00 0.95 16.77
C SER B 191 11.90 -0.44 17.40
N LEU B 192 12.70 -1.40 16.95
CA LEU B 192 12.60 -2.77 17.46
C LEU B 192 12.99 -2.81 18.95
N GLU B 193 12.38 -3.74 19.69
CA GLU B 193 12.55 -3.82 21.15
C GLU B 193 13.97 -4.22 21.60
N VAL B 194 14.72 -4.89 20.72
CA VAL B 194 16.12 -5.26 20.99
C VAL B 194 17.01 -4.04 21.31
N TRP B 195 16.74 -2.89 20.72
CA TRP B 195 17.57 -1.70 20.94
C TRP B 195 17.16 -0.98 22.22
N THR B 196 18.12 -0.84 23.13
CA THR B 196 17.95 -0.18 24.41
C THR B 196 19.17 0.69 24.74
N LYS B 197 19.13 1.36 25.89
CA LYS B 197 20.27 2.12 26.42
C LYS B 197 21.50 1.23 26.59
N ASP B 198 21.32 0.02 27.10
CA ASP B 198 22.43 -0.93 27.25
C ASP B 198 22.88 -1.58 25.94
N HIS B 199 22.01 -1.57 24.92
CA HIS B 199 22.23 -2.26 23.66
C HIS B 199 21.77 -1.36 22.51
N PRO B 200 22.50 -0.28 22.26
CA PRO B 200 22.03 0.75 21.31
C PRO B 200 22.10 0.35 19.83
N PHE B 201 21.21 0.93 19.03
CA PHE B 201 21.28 0.81 17.56
C PHE B 201 22.69 1.26 17.10
N PRO B 202 23.33 0.55 16.16
CA PRO B 202 24.72 0.90 15.80
C PRO B 202 24.87 2.26 15.14
N ILE B 203 25.71 3.11 15.74
CA ILE B 203 25.93 4.48 15.25
C ILE B 203 26.57 4.48 13.85
N ASP B 204 27.35 3.45 13.54
CA ASP B 204 27.97 3.34 12.21
C ASP B 204 26.95 3.17 11.09
N ILE B 205 25.86 2.44 11.35
CA ILE B 205 24.78 2.34 10.38
C ILE B 205 24.09 3.69 10.21
N ASP B 206 23.82 4.38 11.31
CA ASP B 206 23.28 5.73 11.28
C ASP B 206 24.08 6.66 10.36
N TYR B 207 25.40 6.67 10.52
CA TYR B 207 26.28 7.55 9.75
C TYR B 207 26.30 7.15 8.27
N MET B 208 26.22 5.85 7.98
CA MET B 208 26.17 5.36 6.62
C MET B 208 24.96 5.95 5.87
N ILE B 209 23.80 5.94 6.54
CA ILE B 209 22.56 6.43 5.97
C ILE B 209 22.61 7.94 5.76
N SER B 210 23.04 8.69 6.77
CA SER B 210 23.05 10.14 6.64
C SER B 210 24.07 10.64 5.61
N ASP B 211 25.24 10.01 5.54
CA ASP B 211 26.26 10.36 4.56
C ASP B 211 25.77 10.10 3.13
N THR B 212 25.10 8.97 2.95
CA THR B 212 24.57 8.61 1.62
C THR B 212 23.49 9.60 1.20
N LEU B 213 22.56 9.87 2.11
CA LEU B 213 21.40 10.68 1.77
C LEU B 213 21.78 12.14 1.56
N GLU B 214 22.65 12.67 2.41
CA GLU B 214 23.12 14.06 2.30
C GLU B 214 24.00 14.29 1.07
N LEU B 215 24.68 13.26 0.59
CA LEU B 215 25.42 13.38 -0.67
C LEU B 215 24.46 13.54 -1.85
N LEU B 216 23.38 12.77 -1.86
CA LEU B 216 22.40 12.79 -2.94
C LEU B 216 21.49 14.01 -2.87
N ARG B 217 21.14 14.42 -1.65
CA ARG B 217 20.18 15.47 -1.42
C ARG B 217 20.67 16.30 -0.24
N PRO B 218 21.52 17.30 -0.48
CA PRO B 218 22.07 18.13 0.60
C PRO B 218 21.03 18.78 1.53
N LYS B 219 19.85 19.13 1.00
CA LYS B 219 18.81 19.77 1.79
C LYS B 219 17.74 18.82 2.35
N ILE B 220 17.95 17.50 2.22
CA ILE B 220 16.97 16.53 2.66
C ILE B 220 16.69 16.61 4.16
N LYS B 221 15.44 16.38 4.55
CA LYS B 221 15.07 16.25 5.95
C LYS B 221 15.26 14.77 6.36
N LEU B 222 16.22 14.55 7.24
CA LEU B 222 16.40 13.24 7.88
C LEU B 222 15.40 13.17 9.02
N CYS B 223 14.49 12.19 8.97
CA CYS B 223 13.48 12.03 10.01
C CYS B 223 14.13 11.73 11.36
N ASN B 224 13.59 12.34 12.41
CA ASN B 224 14.09 12.20 13.78
C ASN B 224 13.23 11.28 14.63
N SER B 225 12.21 10.67 14.01
CA SER B 225 11.34 9.73 14.71
C SER B 225 10.50 8.86 13.76
N LEU B 226 10.03 7.72 14.25
CA LEU B 226 9.18 6.80 13.48
C LEU B 226 7.91 7.50 13.01
N GLU B 227 7.34 8.30 13.91
CA GLU B 227 6.12 9.04 13.65
C GLU B 227 6.30 9.97 12.44
N GLU B 228 7.40 10.72 12.44
CA GLU B 228 7.71 11.62 11.33
C GLU B 228 7.85 10.86 10.01
N SER B 229 8.51 9.71 10.05
CA SER B 229 8.73 8.92 8.83
C SER B 229 7.40 8.31 8.30
N ILE B 230 6.48 7.97 9.19
CA ILE B 230 5.17 7.44 8.78
C ILE B 230 4.35 8.57 8.15
N ARG B 231 4.44 9.77 8.71
CA ARG B 231 3.69 10.90 8.17
C ARG B 231 4.15 11.25 6.77
N GLN B 232 5.46 11.19 6.53
CA GLN B 232 6.01 11.42 5.19
C GLN B 232 5.40 10.40 4.22
N VAL B 233 5.29 9.15 4.63
CA VAL B 233 4.73 8.11 3.78
C VAL B 233 3.25 8.38 3.57
N GLN B 234 2.52 8.75 4.63
CA GLN B 234 1.09 9.07 4.48
C GLN B 234 0.84 10.24 3.52
N ASP B 235 1.60 11.32 3.65
CA ASP B 235 1.44 12.46 2.73
C ASP B 235 1.71 12.03 1.29
N LEU B 236 2.74 11.22 1.08
CA LEU B 236 3.08 10.75 -0.25
C LEU B 236 1.96 9.87 -0.83
N GLU B 237 1.40 8.98 -0.01
CA GLU B 237 0.36 8.05 -0.48
C GLU B 237 -1.00 8.76 -0.73
N ARG B 238 -1.24 9.88 -0.08
CA ARG B 238 -2.40 10.73 -0.38
C ARG B 238 -2.28 11.29 -1.81
N GLU B 239 -1.07 11.76 -2.16
CA GLU B 239 -0.79 12.20 -3.53
C GLU B 239 -1.08 11.07 -4.53
N PHE B 240 -0.56 9.87 -4.26
CA PHE B 240 -0.78 8.72 -5.14
C PHE B 240 -2.28 8.45 -5.33
N LEU B 241 -3.01 8.36 -4.23
CA LEU B 241 -4.46 8.13 -4.24
C LEU B 241 -5.19 9.14 -5.16
N ILE B 242 -4.85 10.41 -5.05
CA ILE B 242 -5.41 11.44 -5.93
C ILE B 242 -5.12 11.10 -7.41
N LYS B 243 -3.86 10.82 -7.73
CA LYS B 243 -3.47 10.41 -9.09
C LYS B 243 -4.22 9.17 -9.58
N LEU B 244 -4.41 8.16 -8.72
CA LEU B 244 -5.01 6.88 -9.15
C LEU B 244 -6.55 6.95 -9.27
N GLY B 245 -7.17 7.96 -8.67
CA GLY B 245 -8.62 8.12 -8.74
C GLY B 245 -9.44 7.02 -8.07
N LEU B 246 -8.97 6.47 -6.96
CA LEU B 246 -9.72 5.43 -6.25
C LEU B 246 -10.92 5.99 -5.48
N VAL B 247 -10.90 7.30 -5.22
CA VAL B 247 -11.94 7.97 -4.42
C VAL B 247 -12.55 9.18 -5.15
N ASN B 248 -11.69 10.07 -5.64
CA ASN B 248 -12.15 11.25 -6.42
C ASN B 248 -12.21 10.99 -7.92
N LEU C 1 -8.06 19.85 -1.67
CA LEU C 1 -8.67 19.62 -0.33
C LEU C 1 -8.23 20.70 0.65
N SER C 2 -9.17 21.49 1.16
CA SER C 2 -8.86 22.61 2.08
C SER C 2 -9.56 22.55 3.45
N LYS C 3 -10.59 21.72 3.58
CA LYS C 3 -11.38 21.65 4.81
C LYS C 3 -10.80 20.58 5.76
N VAL C 4 -10.29 21.02 6.90
CA VAL C 4 -9.66 20.18 7.91
C VAL C 4 -10.56 20.04 9.15
N VAL C 5 -10.60 18.85 9.76
CA VAL C 5 -11.29 18.65 11.05
C VAL C 5 -10.26 18.46 12.17
N ILE C 6 -10.51 19.08 13.33
CA ILE C 6 -9.79 18.77 14.56
C ILE C 6 -10.85 18.19 15.50
N ARG C 7 -10.70 16.90 15.84
CA ARG C 7 -11.74 16.13 16.51
C ARG C 7 -11.25 15.37 17.74
N ARG C 8 -12.19 14.74 18.44
CA ARG C 8 -11.98 14.13 19.76
C ARG C 8 -11.49 15.15 20.82
N LEU C 9 -12.02 16.36 20.73
CA LEU C 9 -11.75 17.40 21.72
C LEU C 9 -12.61 17.13 22.95
N PRO C 10 -12.20 17.68 24.10
CA PRO C 10 -13.04 17.57 25.30
C PRO C 10 -14.47 18.10 25.07
N PRO C 11 -15.49 17.42 25.58
CA PRO C 11 -16.88 17.84 25.34
C PRO C 11 -17.22 19.20 25.96
N THR C 12 -16.48 19.62 26.97
CA THR C 12 -16.72 20.91 27.64
C THR C 12 -15.84 22.05 27.11
N LEU C 13 -14.97 21.77 26.14
CA LEU C 13 -14.15 22.83 25.56
C LEU C 13 -15.04 23.76 24.74
N THR C 14 -14.69 25.05 24.72
CA THR C 14 -15.42 26.03 23.92
C THR C 14 -14.58 26.47 22.74
N LYS C 15 -15.25 26.94 21.70
CA LYS C 15 -14.57 27.53 20.55
C LYS C 15 -13.51 28.56 20.98
N GLU C 16 -13.84 29.36 21.98
CA GLU C 16 -13.01 30.47 22.43
C GLU C 16 -11.74 29.96 23.10
N GLN C 17 -11.86 28.83 23.80
CA GLN C 17 -10.72 28.15 24.40
C GLN C 17 -9.85 27.45 23.36
N LEU C 18 -10.46 26.98 22.27
CA LEU C 18 -9.75 26.27 21.21
C LEU C 18 -8.86 27.23 20.44
N GLN C 19 -9.44 28.34 20.00
CA GLN C 19 -8.71 29.42 19.34
C GLN C 19 -7.54 29.93 20.19
N GLU C 20 -7.74 30.06 21.51
CA GLU C 20 -6.65 30.40 22.42
C GLU C 20 -5.47 29.43 22.26
N HIS C 21 -5.77 28.13 22.24
CA HIS C 21 -4.75 27.10 22.06
C HIS C 21 -4.13 27.11 20.66
N LEU C 22 -4.93 27.45 19.65
CA LEU C 22 -4.50 27.36 18.25
C LEU C 22 -3.67 28.56 17.77
N GLN C 23 -3.72 29.69 18.50
CA GLN C 23 -3.14 30.93 17.97
C GLN C 23 -1.64 31.03 18.24
N PRO C 24 -0.87 31.54 17.28
CA PRO C 24 -1.37 32.30 16.11
C PRO C 24 -2.10 31.43 15.07
N MET C 25 -3.37 31.76 14.85
CA MET C 25 -4.20 31.04 13.90
C MET C 25 -3.76 31.35 12.47
N PRO C 26 -3.61 30.31 11.65
CA PRO C 26 -3.30 30.49 10.22
C PRO C 26 -4.47 31.04 9.39
N GLU C 27 -4.14 31.67 8.28
CA GLU C 27 -5.11 32.32 7.40
C GLU C 27 -6.24 31.36 7.01
N HIS C 28 -7.46 31.72 7.38
CA HIS C 28 -8.62 30.88 7.15
C HIS C 28 -9.88 31.66 6.76
N ASP C 29 -10.78 30.94 6.10
CA ASP C 29 -12.00 31.46 5.52
C ASP C 29 -13.24 31.01 6.32
N TYR C 30 -13.05 30.03 7.20
CA TYR C 30 -14.15 29.42 7.95
C TYR C 30 -13.57 28.69 9.16
N PHE C 31 -14.27 28.77 10.27
CA PHE C 31 -13.83 28.15 11.52
C PHE C 31 -15.01 28.06 12.47
N GLU C 32 -15.62 26.87 12.58
CA GLU C 32 -16.75 26.70 13.49
C GLU C 32 -16.64 25.44 14.33
N PHE C 33 -17.44 25.41 15.39
CA PHE C 33 -17.28 24.46 16.50
C PHE C 33 -18.58 23.69 16.70
N PHE C 34 -18.46 22.39 17.00
CA PHE C 34 -19.62 21.49 17.10
C PHE C 34 -19.47 20.44 18.22
N SER C 35 -20.59 20.15 18.88
CA SER C 35 -20.63 19.10 19.90
C SER C 35 -22.09 18.72 20.20
N ASN C 36 -22.28 17.77 21.09
CA ASN C 36 -23.61 17.37 21.54
C ASN C 36 -24.53 16.99 20.38
N ASP C 37 -23.98 16.37 19.34
CA ASP C 37 -24.78 16.02 18.17
C ASP C 37 -24.60 14.57 17.74
N THR C 38 -24.25 13.70 18.67
CA THR C 38 -23.95 12.31 18.35
C THR C 38 -25.14 11.42 18.69
N SER C 39 -25.16 10.26 18.06
CA SER C 39 -26.11 9.20 18.38
C SER C 39 -25.53 8.19 19.36
N LEU C 40 -24.32 8.44 19.88
CA LEU C 40 -23.60 7.44 20.68
C LEU C 40 -23.33 7.91 22.11
N TYR C 41 -24.32 8.54 22.73
CA TYR C 41 -24.24 8.96 24.14
C TYR C 41 -24.00 7.69 24.96
N PRO C 42 -23.12 7.68 25.97
CA PRO C 42 -22.41 8.85 26.54
C PRO C 42 -21.02 9.16 25.99
N HIS C 43 -20.70 8.73 24.77
CA HIS C 43 -19.38 8.99 24.18
C HIS C 43 -19.30 10.40 23.54
N MET C 44 -19.07 11.41 24.39
CA MET C 44 -19.19 12.82 24.01
C MET C 44 -17.84 13.49 23.74
N TYR C 45 -17.72 14.08 22.56
CA TYR C 45 -16.52 14.78 22.14
C TYR C 45 -16.97 16.03 21.39
N ALA C 46 -16.07 17.00 21.29
CA ALA C 46 -16.33 18.19 20.50
C ALA C 46 -15.40 18.15 19.30
N ARG C 47 -15.62 19.06 18.35
CA ARG C 47 -14.76 19.13 17.17
C ARG C 47 -14.93 20.46 16.45
N ALA C 48 -14.02 20.75 15.52
CA ALA C 48 -14.11 21.99 14.74
C ALA C 48 -13.59 21.79 13.34
N TYR C 49 -14.13 22.57 12.41
CA TYR C 49 -13.71 22.56 11.02
C TYR C 49 -13.09 23.91 10.66
N ILE C 50 -11.93 23.87 10.02
CA ILE C 50 -11.28 25.08 9.48
C ILE C 50 -11.05 24.87 7.98
N ASN C 51 -11.29 25.92 7.18
CA ASN C 51 -11.01 25.86 5.76
C ASN C 51 -9.82 26.78 5.49
N PHE C 52 -8.66 26.18 5.19
CA PHE C 52 -7.40 26.93 5.08
C PHE C 52 -7.27 27.60 3.73
N LYS C 53 -6.35 28.58 3.64
CA LYS C 53 -6.17 29.37 2.43
C LYS C 53 -5.16 28.74 1.47
N ASN C 54 -4.17 28.02 1.99
CA ASN C 54 -3.29 27.22 1.12
C ASN C 54 -2.63 26.00 1.78
N GLN C 55 -2.14 25.10 0.92
CA GLN C 55 -1.72 23.74 1.31
C GLN C 55 -0.51 23.72 2.25
N GLU C 56 0.39 24.67 2.07
CA GLU C 56 1.55 24.82 2.95
C GLU C 56 1.13 24.90 4.43
N ASP C 57 0.09 25.69 4.71
CA ASP C 57 -0.37 25.94 6.08
C ASP C 57 -1.02 24.72 6.75
N ILE C 58 -1.59 23.81 5.96
CA ILE C 58 -2.22 22.61 6.49
C ILE C 58 -1.18 21.64 7.09
N ILE C 59 -0.05 21.50 6.42
CA ILE C 59 1.06 20.68 6.93
C ILE C 59 1.54 21.22 8.29
N LEU C 60 1.80 22.52 8.36
CA LEU C 60 2.30 23.10 9.61
C LEU C 60 1.29 22.90 10.75
N PHE C 61 -0.01 23.05 10.45
CA PHE C 61 -1.08 22.91 11.45
C PHE C 61 -1.17 21.51 12.04
N ARG C 62 -1.06 20.47 11.22
CA ARG C 62 -1.22 19.11 11.75
C ARG C 62 0.07 18.58 12.37
N ASP C 63 1.23 19.01 11.85
CA ASP C 63 2.50 18.72 12.53
C ASP C 63 2.46 19.23 13.97
N ARG C 64 1.78 20.35 14.17
CA ARG C 64 1.69 20.99 15.49
C ARG C 64 0.56 20.43 16.36
N PHE C 65 -0.58 20.08 15.77
CA PHE C 65 -1.79 19.83 16.55
C PHE C 65 -2.36 18.42 16.55
N ASP C 66 -1.89 17.56 15.64
CA ASP C 66 -2.24 16.14 15.70
C ASP C 66 -1.49 15.52 16.87
N GLY C 67 -2.24 15.05 17.86
CA GLY C 67 -1.65 14.49 19.05
C GLY C 67 -1.57 15.46 20.22
N TYR C 68 -1.77 16.76 19.96
CA TYR C 68 -1.77 17.79 20.99
C TYR C 68 -2.80 17.47 22.07
N VAL C 69 -2.34 17.42 23.32
CA VAL C 69 -3.16 16.96 24.43
C VAL C 69 -3.94 18.11 25.07
N PHE C 70 -5.26 18.11 24.88
CA PHE C 70 -6.14 19.04 25.56
C PHE C 70 -6.63 18.40 26.85
N LEU C 71 -6.92 19.24 27.84
CA LEU C 71 -7.48 18.76 29.10
C LEU C 71 -8.95 19.19 29.22
N ASP C 72 -9.69 18.49 30.07
CA ASP C 72 -11.05 18.91 30.38
C ASP C 72 -11.01 19.45 31.80
N ASN C 73 -12.19 19.79 32.32
CA ASN C 73 -12.31 20.27 33.69
C ASN C 73 -11.49 19.48 34.71
N LYS C 74 -11.67 18.15 34.74
CA LYS C 74 -11.17 17.29 35.82
C LYS C 74 -9.82 16.61 35.55
N GLY C 75 -9.01 17.18 34.67
CA GLY C 75 -7.66 16.68 34.41
C GLY C 75 -7.54 15.50 33.45
N GLN C 76 -8.65 15.09 32.85
CA GLN C 76 -8.67 13.98 31.87
C GLN C 76 -8.00 14.37 30.54
N GLU C 77 -7.17 13.48 30.01
CA GLU C 77 -6.40 13.75 28.79
C GLU C 77 -7.22 13.43 27.53
N TYR C 78 -7.16 14.32 26.54
CA TYR C 78 -7.85 14.17 25.26
C TYR C 78 -6.87 14.52 24.15
N PRO C 79 -6.11 13.56 23.63
CA PRO C 79 -5.27 13.85 22.47
C PRO C 79 -6.14 14.07 21.21
N ALA C 80 -5.90 15.17 20.50
CA ALA C 80 -6.73 15.54 19.36
C ALA C 80 -6.29 14.78 18.12
N ILE C 81 -7.20 14.67 17.16
CA ILE C 81 -6.88 14.13 15.83
C ILE C 81 -7.13 15.23 14.79
N VAL C 82 -6.13 15.47 13.95
CA VAL C 82 -6.23 16.44 12.86
C VAL C 82 -6.15 15.67 11.54
N GLU C 83 -7.24 15.75 10.75
CA GLU C 83 -7.32 15.13 9.44
C GLU C 83 -8.09 16.03 8.48
N PHE C 84 -8.06 15.73 7.18
CA PHE C 84 -8.98 16.34 6.23
C PHE C 84 -10.39 15.87 6.53
N ALA C 85 -11.34 16.80 6.54
CA ALA C 85 -12.75 16.44 6.70
C ALA C 85 -13.19 15.50 5.59
N PRO C 86 -13.96 14.47 5.94
CA PRO C 86 -14.45 13.51 4.94
C PRO C 86 -15.50 14.09 3.96
N PHE C 87 -16.17 15.17 4.33
CA PHE C 87 -17.05 15.95 3.43
C PHE C 87 -16.43 17.33 3.28
N GLN C 88 -16.08 17.71 2.05
CA GLN C 88 -15.30 18.94 1.83
C GLN C 88 -16.09 20.24 1.61
N LYS C 89 -17.41 20.17 1.49
CA LYS C 89 -18.24 21.37 1.33
C LYS C 89 -18.26 22.19 2.63
N ALA C 90 -17.93 23.47 2.55
CA ALA C 90 -17.94 24.35 3.72
C ALA C 90 -19.20 25.22 3.76
N ALA C 91 -19.77 25.38 4.95
CA ALA C 91 -20.99 26.17 5.15
C ALA C 91 -20.74 27.65 4.92
N ARG D 1 -39.84 16.70 27.62
CA ARG D 1 -39.13 17.72 26.78
C ARG D 1 -40.04 18.92 26.51
N PRO D 2 -39.48 20.07 26.13
CA PRO D 2 -40.29 21.23 25.76
C PRO D 2 -41.12 20.98 24.48
N PRO D 3 -42.20 21.74 24.27
CA PRO D 3 -43.14 21.48 23.17
C PRO D 3 -42.53 21.49 21.76
N LEU D 4 -41.59 22.41 21.48
CA LEU D 4 -41.01 22.52 20.15
C LEU D 4 -40.12 21.34 19.84
N GLN D 5 -39.44 20.83 20.85
CA GLN D 5 -38.65 19.60 20.70
C GLN D 5 -39.53 18.39 20.40
N GLU D 6 -40.69 18.29 21.05
CA GLU D 6 -41.60 17.18 20.78
C GLU D 6 -42.21 17.27 19.38
N TYR D 7 -42.44 18.50 18.90
CA TYR D 7 -42.97 18.74 17.56
C TYR D 7 -41.97 18.31 16.49
N VAL D 8 -40.71 18.72 16.63
CA VAL D 8 -39.67 18.32 15.68
C VAL D 8 -39.51 16.79 15.64
N ARG D 9 -39.53 16.15 16.82
CA ARG D 9 -39.42 14.69 16.89
C ARG D 9 -40.62 14.05 16.23
N LYS D 10 -41.81 14.60 16.45
CA LYS D 10 -43.04 14.10 15.83
C LYS D 10 -42.97 14.15 14.29
N LEU D 11 -42.50 15.27 13.75
CA LEU D 11 -42.43 15.48 12.30
C LEU D 11 -41.50 14.46 11.64
N LEU D 12 -40.33 14.25 12.22
CA LEU D 12 -39.28 13.44 11.61
C LEU D 12 -39.44 11.95 11.90
N TYR D 13 -39.84 11.60 13.11
CA TYR D 13 -39.83 10.23 13.60
C TYR D 13 -41.20 9.51 13.50
N LYS D 14 -42.28 10.25 13.33
CA LYS D 14 -43.63 9.67 13.33
C LYS D 14 -44.39 10.01 12.04
N ASP D 15 -44.47 11.30 11.71
CA ASP D 15 -45.29 11.76 10.59
C ASP D 15 -44.69 11.42 9.23
N LEU D 16 -43.37 11.57 9.12
CA LEU D 16 -42.71 11.57 7.82
C LEU D 16 -42.75 10.18 7.18
N SER D 17 -43.18 10.16 5.93
CA SER D 17 -43.22 8.96 5.10
C SER D 17 -43.32 9.39 3.65
N LYS D 18 -43.29 8.43 2.73
CA LYS D 18 -43.45 8.75 1.30
C LYS D 18 -44.70 9.61 1.05
N VAL D 19 -45.79 9.29 1.74
CA VAL D 19 -47.08 9.93 1.51
C VAL D 19 -47.17 11.38 2.02
N THR D 20 -46.39 11.72 3.05
CA THR D 20 -46.45 13.03 3.69
C THR D 20 -45.24 13.92 3.44
N THR D 21 -44.33 13.55 2.53
CA THR D 21 -43.09 14.32 2.35
C THR D 21 -43.32 15.80 2.00
N GLU D 22 -44.28 16.09 1.13
CA GLU D 22 -44.60 17.50 0.78
C GLU D 22 -45.13 18.28 1.99
N LYS D 23 -46.01 17.65 2.77
CA LYS D 23 -46.57 18.28 3.96
C LYS D 23 -45.48 18.54 5.02
N VAL D 24 -44.67 17.52 5.31
CA VAL D 24 -43.65 17.65 6.33
C VAL D 24 -42.59 18.66 5.88
N LEU D 25 -42.30 18.73 4.58
CA LEU D 25 -41.37 19.75 4.08
C LEU D 25 -41.90 21.15 4.38
N ARG D 26 -43.20 21.39 4.15
CA ARG D 26 -43.80 22.69 4.44
C ARG D 26 -43.66 23.04 5.92
N GLN D 27 -43.96 22.06 6.77
CA GLN D 27 -43.98 22.27 8.22
C GLN D 27 -42.57 22.50 8.75
N MET D 28 -41.58 21.86 8.13
CA MET D 28 -40.18 22.04 8.52
C MET D 28 -39.66 23.42 8.14
N ARG D 29 -40.04 23.89 6.94
CA ARG D 29 -39.67 25.23 6.48
C ARG D 29 -40.18 26.31 7.44
N LYS D 30 -41.36 26.09 8.01
CA LYS D 30 -41.98 27.08 8.90
C LYS D 30 -41.36 27.15 10.30
N LEU D 31 -40.39 26.27 10.61
CA LEU D 31 -39.71 26.32 11.91
C LEU D 31 -38.92 27.61 12.04
N PRO D 32 -38.65 28.05 13.28
CA PRO D 32 -37.87 29.28 13.49
C PRO D 32 -36.36 29.00 13.38
N TRP D 33 -35.85 28.91 12.16
CA TRP D 33 -34.47 28.54 11.91
C TRP D 33 -33.46 29.61 12.35
N GLN D 34 -33.94 30.83 12.56
CA GLN D 34 -33.10 31.92 13.06
C GLN D 34 -32.72 31.74 14.54
N ASP D 35 -33.49 30.91 15.25
CA ASP D 35 -33.15 30.46 16.60
C ASP D 35 -32.10 29.35 16.50
N GLN D 36 -30.87 29.65 16.87
CA GLN D 36 -29.77 28.70 16.72
C GLN D 36 -30.03 27.40 17.50
N GLU D 37 -30.65 27.49 18.66
CA GLU D 37 -31.01 26.30 19.45
C GLU D 37 -31.96 25.36 18.70
N VAL D 38 -32.92 25.93 17.97
CA VAL D 38 -33.88 25.14 17.21
C VAL D 38 -33.23 24.46 15.97
N LYS D 39 -32.43 25.23 15.23
CA LYS D 39 -31.65 24.71 14.11
C LYS D 39 -30.75 23.56 14.59
N ASP D 40 -30.02 23.77 15.69
CA ASP D 40 -29.15 22.73 16.25
C ASP D 40 -29.93 21.45 16.61
N TYR D 41 -31.14 21.62 17.14
CA TYR D 41 -31.98 20.49 17.54
C TYR D 41 -32.43 19.66 16.32
N VAL D 42 -32.79 20.32 15.22
CA VAL D 42 -33.17 19.61 14.00
C VAL D 42 -31.98 18.84 13.44
N ILE D 43 -30.82 19.48 13.41
CA ILE D 43 -29.60 18.83 12.90
C ILE D 43 -29.31 17.59 13.72
N CYS D 44 -29.38 17.72 15.03
CA CYS D 44 -29.14 16.61 15.94
C CYS D 44 -30.17 15.48 15.75
N CYS D 45 -31.45 15.80 15.55
CA CYS D 45 -32.47 14.79 15.33
C CYS D 45 -32.25 14.01 14.03
N MET D 46 -31.75 14.69 13.00
CA MET D 46 -31.44 14.05 11.72
C MET D 46 -30.18 13.18 11.81
N ILE D 47 -29.17 13.63 12.57
CA ILE D 47 -27.97 12.82 12.84
C ILE D 47 -28.38 11.52 13.59
N ASN D 48 -29.38 11.65 14.46
CA ASN D 48 -29.92 10.52 15.23
C ASN D 48 -31.00 9.79 14.43
N ILE D 49 -30.62 9.37 13.22
CA ILE D 49 -31.47 8.70 12.22
C ILE D 49 -31.96 7.31 12.63
N TRP D 50 -31.31 6.72 13.62
CA TRP D 50 -31.72 5.43 14.18
C TRP D 50 -33.16 5.43 14.69
N ASN D 51 -33.69 6.61 15.01
CA ASN D 51 -35.04 6.82 15.53
C ASN D 51 -36.10 6.67 14.46
N VAL D 52 -35.68 6.74 13.19
CA VAL D 52 -36.56 6.61 12.05
C VAL D 52 -36.63 5.14 11.61
N LYS D 53 -37.83 4.71 11.23
CA LYS D 53 -38.01 3.38 10.64
C LYS D 53 -37.03 3.20 9.47
N TYR D 54 -36.36 2.06 9.45
CA TYR D 54 -35.30 1.82 8.47
C TYR D 54 -35.74 2.06 7.03
N ASN D 55 -36.98 1.72 6.69
CA ASN D 55 -37.42 1.89 5.29
C ASN D 55 -38.02 3.28 5.03
N SER D 56 -37.92 4.14 6.03
CA SER D 56 -38.25 5.56 5.91
C SER D 56 -37.05 6.48 5.96
N ILE D 57 -35.85 5.93 6.18
CA ILE D 57 -34.64 6.75 6.23
C ILE D 57 -34.47 7.53 4.92
N HIS D 58 -34.77 6.90 3.78
CA HIS D 58 -34.69 7.56 2.48
C HIS D 58 -35.60 8.78 2.39
N CYS D 59 -36.71 8.78 3.12
CA CYS D 59 -37.57 9.97 3.21
C CYS D 59 -36.88 11.18 3.83
N VAL D 60 -36.03 10.95 4.84
CA VAL D 60 -35.31 12.04 5.50
C VAL D 60 -34.27 12.62 4.54
N ALA D 61 -33.63 11.75 3.75
CA ALA D 61 -32.71 12.22 2.71
C ALA D 61 -33.42 13.12 1.69
N ASN D 62 -34.61 12.72 1.28
CA ASN D 62 -35.45 13.47 0.34
C ASN D 62 -35.90 14.82 0.94
N LEU D 63 -36.34 14.77 2.18
CA LEU D 63 -36.75 15.98 2.89
C LEU D 63 -35.60 16.97 2.93
N LEU D 64 -34.41 16.49 3.26
CA LEU D 64 -33.23 17.32 3.33
C LEU D 64 -32.90 17.91 1.97
N ALA D 65 -33.00 17.12 0.91
CA ALA D 65 -32.75 17.63 -0.44
C ALA D 65 -33.65 18.86 -0.76
N GLY D 66 -34.91 18.82 -0.36
CA GLY D 66 -35.82 19.93 -0.56
C GLY D 66 -35.53 21.11 0.35
N LEU D 67 -35.14 20.82 1.59
CA LEU D 67 -34.88 21.84 2.60
C LEU D 67 -33.61 22.67 2.37
N VAL D 68 -32.56 22.10 1.77
CA VAL D 68 -31.32 22.86 1.56
C VAL D 68 -31.45 23.97 0.50
N LEU D 69 -32.55 23.93 -0.25
CA LEU D 69 -32.93 25.02 -1.13
C LEU D 69 -33.13 26.32 -0.35
N TYR D 70 -33.63 26.19 0.89
CA TYR D 70 -33.90 27.32 1.79
C TYR D 70 -32.89 27.46 2.94
N GLN D 71 -32.31 26.33 3.37
CA GLN D 71 -31.36 26.32 4.47
C GLN D 71 -30.19 25.38 4.12
N GLU D 72 -29.25 25.85 3.30
CA GLU D 72 -28.16 24.99 2.81
C GLU D 72 -27.24 24.50 3.93
N ASP D 73 -26.93 25.38 4.88
CA ASP D 73 -26.06 24.99 6.01
C ASP D 73 -26.59 23.77 6.79
N VAL D 74 -27.91 23.56 6.79
CA VAL D 74 -28.50 22.43 7.52
C VAL D 74 -28.07 21.08 6.90
N GLY D 75 -28.08 21.00 5.58
CA GLY D 75 -27.63 19.80 4.88
C GLY D 75 -26.18 19.48 5.17
N ILE D 76 -25.33 20.50 5.12
CA ILE D 76 -23.91 20.35 5.34
C ILE D 76 -23.62 19.85 6.76
N HIS D 77 -24.30 20.43 7.75
CA HIS D 77 -24.07 20.10 9.16
C HIS D 77 -24.52 18.68 9.47
N VAL D 78 -25.61 18.26 8.81
CA VAL D 78 -26.09 16.88 8.98
C VAL D 78 -25.10 15.87 8.38
N VAL D 79 -24.61 16.15 7.18
CA VAL D 79 -23.65 15.27 6.51
C VAL D 79 -22.37 15.14 7.34
N ASP D 80 -21.82 16.27 7.79
CA ASP D 80 -20.61 16.29 8.63
C ASP D 80 -20.83 15.47 9.92
N GLY D 81 -22.03 15.57 10.47
CA GLY D 81 -22.38 14.90 11.70
C GLY D 81 -22.53 13.39 11.55
N VAL D 82 -23.16 12.95 10.45
CA VAL D 82 -23.34 11.52 10.17
C VAL D 82 -21.95 10.88 9.96
N LEU D 83 -21.06 11.58 9.27
CA LEU D 83 -19.72 11.07 8.99
C LEU D 83 -18.86 11.02 10.25
N GLU D 84 -18.99 12.02 11.11
CA GLU D 84 -18.34 12.00 12.43
C GLU D 84 -18.84 10.81 13.26
N ASP D 85 -20.15 10.57 13.22
CA ASP D 85 -20.75 9.45 13.97
C ASP D 85 -20.29 8.09 13.45
N ILE D 86 -20.13 7.95 12.14
CA ILE D 86 -19.65 6.70 11.55
C ILE D 86 -18.22 6.41 12.05
N ARG D 87 -17.36 7.42 12.05
N ARG D 87 -17.34 7.40 12.06
CA ARG D 87 -15.99 7.32 12.55
CA ARG D 87 -15.98 7.24 12.58
C ARG D 87 -15.96 7.00 14.06
C ARG D 87 -15.98 6.96 14.08
N LEU D 88 -16.73 7.75 14.86
CA LEU D 88 -16.81 7.49 16.30
C LEU D 88 -17.38 6.09 16.62
N GLY D 89 -18.34 5.67 15.81
CA GLY D 89 -18.88 4.33 15.90
C GLY D 89 -17.81 3.25 15.88
N MET D 90 -16.85 3.34 14.95
CA MET D 90 -15.74 2.38 14.91
C MET D 90 -14.77 2.53 16.11
N GLU D 91 -14.63 3.74 16.65
CA GLU D 91 -13.78 3.96 17.83
C GLU D 91 -14.42 3.38 19.13
N VAL D 92 -15.75 3.49 19.24
CA VAL D 92 -16.49 2.99 20.38
C VAL D 92 -16.74 1.47 20.26
N ASN D 93 -17.41 1.08 19.17
CA ASN D 93 -17.57 -0.33 18.78
C ASN D 93 -18.14 -1.29 19.86
N GLN D 94 -19.18 -0.82 20.56
CA GLN D 94 -19.93 -1.65 21.49
C GLN D 94 -21.17 -2.18 20.78
N PRO D 95 -21.45 -3.48 20.87
CA PRO D 95 -22.59 -4.08 20.14
C PRO D 95 -23.99 -3.47 20.39
N LYS D 96 -24.19 -2.82 21.54
CA LYS D 96 -25.48 -2.20 21.83
C LYS D 96 -25.81 -1.04 20.87
N PHE D 97 -24.80 -0.56 20.14
CA PHE D 97 -24.99 0.48 19.11
C PHE D 97 -25.11 -0.08 17.70
N ASN D 98 -25.21 -1.40 17.53
CA ASN D 98 -25.19 -1.98 16.18
C ASN D 98 -26.31 -1.38 15.31
N GLN D 99 -27.53 -1.33 15.84
CA GLN D 99 -28.68 -0.82 15.07
C GLN D 99 -28.47 0.63 14.66
N ARG D 100 -27.93 1.43 15.56
CA ARG D 100 -27.78 2.86 15.31
C ARG D 100 -26.72 3.06 14.23
N ARG D 101 -25.66 2.26 14.29
CA ARG D 101 -24.56 2.38 13.33
C ARG D 101 -24.96 1.92 11.92
N ILE D 102 -25.74 0.85 11.81
CA ILE D 102 -26.31 0.41 10.53
C ILE D 102 -27.24 1.50 9.97
N SER D 103 -28.06 2.10 10.84
CA SER D 103 -28.97 3.17 10.40
C SER D 103 -28.15 4.34 9.81
N SER D 104 -27.06 4.71 10.47
CA SER D 104 -26.21 5.78 9.99
C SER D 104 -25.59 5.48 8.60
N ALA D 105 -25.13 4.24 8.40
CA ALA D 105 -24.56 3.82 7.12
C ALA D 105 -25.60 3.85 6.01
N LYS D 106 -26.82 3.40 6.31
CA LYS D 106 -27.94 3.44 5.36
C LYS D 106 -28.27 4.88 4.97
N PHE D 107 -28.27 5.77 5.97
CA PHE D 107 -28.58 7.19 5.76
C PHE D 107 -27.54 7.82 4.83
N LEU D 108 -26.24 7.53 5.05
CA LEU D 108 -25.19 8.03 4.15
C LEU D 108 -25.41 7.61 2.71
N GLY D 109 -25.78 6.36 2.53
CA GLY D 109 -26.08 5.82 1.21
C GLY D 109 -27.24 6.54 0.57
N GLU D 110 -28.30 6.82 1.35
CA GLU D 110 -29.48 7.51 0.81
C GLU D 110 -29.17 8.99 0.58
N LEU D 111 -28.25 9.56 1.36
CA LEU D 111 -27.75 10.91 1.11
C LEU D 111 -27.03 10.99 -0.25
N TYR D 112 -26.32 9.94 -0.64
CA TYR D 112 -25.78 9.90 -2.00
C TYR D 112 -26.94 9.85 -3.01
N ASN D 113 -27.89 8.95 -2.76
CA ASN D 113 -28.96 8.71 -3.72
C ASN D 113 -29.79 9.96 -4.05
N TYR D 114 -29.90 10.87 -3.08
CA TYR D 114 -30.63 12.14 -3.26
C TYR D 114 -29.71 13.35 -3.45
N ARG D 115 -28.47 13.08 -3.84
CA ARG D 115 -27.51 14.08 -4.32
C ARG D 115 -27.01 15.08 -3.28
N MET D 116 -27.11 14.73 -2.01
CA MET D 116 -26.53 15.52 -0.92
C MET D 116 -25.00 15.32 -0.78
N VAL D 117 -24.49 14.15 -1.18
CA VAL D 117 -23.03 13.95 -1.28
C VAL D 117 -22.66 13.27 -2.59
N GLU D 118 -21.40 13.45 -3.00
CA GLU D 118 -20.84 12.84 -4.21
C GLU D 118 -20.27 11.44 -3.92
N SER D 119 -19.91 10.73 -4.99
CA SER D 119 -19.38 9.38 -4.91
C SER D 119 -18.12 9.29 -4.05
N ALA D 120 -17.26 10.30 -4.12
CA ALA D 120 -16.03 10.30 -3.35
C ALA D 120 -16.28 10.14 -1.83
N VAL D 121 -17.35 10.73 -1.30
CA VAL D 121 -17.68 10.56 0.12
C VAL D 121 -18.00 9.09 0.45
N ILE D 122 -18.74 8.44 -0.43
CA ILE D 122 -19.06 7.02 -0.27
C ILE D 122 -17.79 6.15 -0.32
N PHE D 123 -16.93 6.39 -1.29
CA PHE D 123 -15.75 5.54 -1.45
C PHE D 123 -14.75 5.76 -0.28
N ARG D 124 -14.62 7.03 0.17
CA ARG D 124 -13.83 7.36 1.38
C ARG D 124 -14.29 6.56 2.59
N THR D 125 -15.61 6.45 2.74
CA THR D 125 -16.21 5.76 3.85
C THR D 125 -16.05 4.22 3.74
N LEU D 126 -16.28 3.68 2.54
CA LEU D 126 -16.09 2.23 2.31
C LEU D 126 -14.66 1.80 2.63
N TYR D 127 -13.68 2.58 2.19
CA TYR D 127 -12.27 2.25 2.46
C TYR D 127 -11.98 2.36 3.95
N SER D 128 -12.60 3.32 4.62
N SER D 128 -12.61 3.32 4.63
CA SER D 128 -12.46 3.47 6.07
CA SER D 128 -12.44 3.47 6.08
C SER D 128 -12.84 2.16 6.79
C SER D 128 -12.89 2.21 6.85
N PHE D 129 -13.93 1.54 6.34
CA PHE D 129 -14.42 0.30 6.95
C PHE D 129 -13.39 -0.82 6.86
N THR D 130 -12.68 -0.91 5.74
CA THR D 130 -11.68 -1.94 5.55
C THR D 130 -10.27 -1.57 6.00
N SER D 131 -10.03 -0.32 6.42
N SER D 131 -10.06 -0.31 6.41
CA SER D 131 -8.65 0.06 6.80
CA SER D 131 -8.70 0.20 6.70
C SER D 131 -8.49 0.81 8.13
C SER D 131 -8.51 0.79 8.10
N PHE D 132 -9.54 1.45 8.63
CA PHE D 132 -9.43 2.24 9.84
C PHE D 132 -9.19 1.32 11.04
N GLY D 133 -8.07 1.50 11.73
CA GLY D 133 -7.70 0.65 12.85
C GLY D 133 -7.35 -0.79 12.51
N VAL D 134 -7.17 -1.10 11.22
CA VAL D 134 -6.89 -2.45 10.75
C VAL D 134 -5.38 -2.59 10.45
N ASN D 135 -4.77 -3.66 10.96
CA ASN D 135 -3.33 -3.90 10.77
C ASN D 135 -3.08 -4.35 9.32
N PRO D 136 -2.02 -3.88 8.71
CA PRO D 136 -1.80 -4.12 7.27
C PRO D 136 -1.34 -5.55 6.94
N ASP D 137 -1.15 -6.38 7.96
CA ASP D 137 -0.88 -7.81 7.76
C ASP D 137 -2.08 -8.71 8.05
N GLY D 138 -3.24 -8.13 8.30
CA GLY D 138 -4.45 -8.87 8.66
C GLY D 138 -4.48 -9.46 10.07
N SER D 139 -3.49 -9.13 10.90
CA SER D 139 -3.52 -9.53 12.31
C SER D 139 -4.57 -8.70 13.09
N PRO D 140 -5.12 -9.26 14.16
CA PRO D 140 -6.11 -8.52 14.98
C PRO D 140 -5.54 -7.27 15.67
N SER D 141 -6.43 -6.32 15.96
CA SER D 141 -6.09 -5.02 16.56
C SER D 141 -7.11 -4.60 17.62
N SER D 142 -6.86 -3.45 18.25
CA SER D 142 -7.78 -2.91 19.25
C SER D 142 -9.18 -2.66 18.71
N LEU D 143 -9.28 -2.00 17.55
CA LEU D 143 -10.56 -1.67 16.97
C LEU D 143 -11.16 -2.79 16.13
N ASP D 144 -10.35 -3.77 15.75
CA ASP D 144 -10.81 -4.92 14.94
C ASP D 144 -10.34 -6.26 15.52
N PRO D 145 -10.92 -6.64 16.67
CA PRO D 145 -10.59 -7.93 17.29
C PRO D 145 -11.18 -9.11 16.50
N PRO D 146 -10.67 -10.31 16.75
CA PRO D 146 -10.94 -11.47 15.90
C PRO D 146 -12.42 -11.75 15.59
N GLU D 147 -13.30 -11.77 16.60
CA GLU D 147 -14.69 -12.21 16.33
C GLU D 147 -15.60 -11.05 15.90
N HIS D 148 -15.00 -9.88 15.74
CA HIS D 148 -15.70 -8.65 15.32
C HIS D 148 -15.78 -8.65 13.79
N LEU D 149 -17.00 -8.86 13.25
CA LEU D 149 -17.25 -8.93 11.81
C LEU D 149 -18.10 -7.75 11.33
N PHE D 150 -18.29 -6.77 12.18
CA PHE D 150 -19.21 -5.68 11.88
C PHE D 150 -18.80 -4.80 10.69
N ARG D 151 -17.51 -4.65 10.41
CA ARG D 151 -17.03 -3.94 9.22
C ARG D 151 -17.64 -4.50 7.93
N ILE D 152 -17.79 -5.81 7.89
CA ILE D 152 -18.42 -6.49 6.76
C ILE D 152 -19.88 -6.08 6.60
N ARG D 153 -20.60 -6.04 7.72
CA ARG D 153 -22.00 -5.61 7.75
C ARG D 153 -22.15 -4.15 7.29
N LEU D 154 -21.27 -3.25 7.76
CA LEU D 154 -21.24 -1.86 7.32
C LEU D 154 -21.00 -1.67 5.81
N VAL D 155 -19.99 -2.35 5.27
CA VAL D 155 -19.73 -2.31 3.84
C VAL D 155 -20.97 -2.77 3.08
N CYS D 156 -21.54 -3.90 3.49
CA CYS D 156 -22.68 -4.49 2.75
C CYS D 156 -23.93 -3.59 2.87
N THR D 157 -24.09 -2.89 3.99
CA THR D 157 -25.18 -1.93 4.12
C THR D 157 -25.07 -0.81 3.09
N ILE D 158 -23.88 -0.20 2.96
CA ILE D 158 -23.71 0.91 2.00
C ILE D 158 -23.86 0.40 0.57
N LEU D 159 -23.27 -0.75 0.29
CA LEU D 159 -23.33 -1.31 -1.04
C LEU D 159 -24.77 -1.67 -1.48
N ASP D 160 -25.56 -2.20 -0.57
CA ASP D 160 -26.95 -2.55 -0.83
C ASP D 160 -27.85 -1.31 -1.05
N THR D 161 -27.40 -0.17 -0.53
CA THR D 161 -28.16 1.09 -0.59
C THR D 161 -27.89 1.91 -1.85
N CYS D 162 -26.61 2.06 -2.22
CA CYS D 162 -26.22 2.90 -3.34
C CYS D 162 -25.20 2.28 -4.31
N GLY D 163 -24.67 1.12 -3.96
CA GLY D 163 -23.73 0.40 -4.83
C GLY D 163 -24.24 0.04 -6.22
N GLN D 164 -25.55 -0.15 -6.35
CA GLN D 164 -26.17 -0.43 -7.65
C GLN D 164 -26.06 0.72 -8.66
N TYR D 165 -25.74 1.92 -8.19
CA TYR D 165 -25.54 3.08 -9.07
C TYR D 165 -24.08 3.27 -9.51
N PHE D 166 -23.19 2.39 -9.09
CA PHE D 166 -21.78 2.46 -9.47
C PHE D 166 -21.47 1.44 -10.58
N ASP D 167 -22.30 1.45 -11.63
CA ASP D 167 -22.21 0.44 -12.69
C ASP D 167 -21.73 0.98 -14.04
N ARG D 168 -21.43 2.27 -14.13
CA ARG D 168 -20.91 2.85 -15.37
C ARG D 168 -19.72 3.75 -15.10
N GLY D 169 -18.86 3.88 -16.11
CA GLY D 169 -17.81 4.89 -16.13
C GLY D 169 -16.84 4.87 -14.95
N SER D 170 -16.53 6.04 -14.41
CA SER D 170 -15.45 6.13 -13.43
C SER D 170 -15.83 5.46 -12.11
N SER D 171 -17.09 5.54 -11.70
CA SER D 171 -17.51 4.86 -10.48
C SER D 171 -17.54 3.32 -10.64
N LYS D 172 -17.75 2.80 -11.86
CA LYS D 172 -17.68 1.34 -12.08
C LYS D 172 -16.31 0.86 -11.66
N ARG D 173 -15.28 1.52 -12.17
CA ARG D 173 -13.90 1.17 -11.86
C ARG D 173 -13.56 1.37 -10.37
N LYS D 174 -14.05 2.45 -9.75
CA LYS D 174 -13.78 2.71 -8.32
C LYS D 174 -14.34 1.57 -7.45
N LEU D 175 -15.54 1.10 -7.78
CA LEU D 175 -16.13 -0.03 -7.05
C LEU D 175 -15.35 -1.33 -7.29
N ASP D 176 -14.96 -1.61 -8.55
CA ASP D 176 -14.18 -2.81 -8.86
C ASP D 176 -12.89 -2.84 -8.03
N CYS D 177 -12.18 -1.73 -7.96
CA CYS D 177 -10.96 -1.68 -7.16
C CYS D 177 -11.28 -1.88 -5.68
N PHE D 178 -12.29 -1.16 -5.17
CA PHE D 178 -12.69 -1.35 -3.78
C PHE D 178 -12.98 -2.83 -3.45
N LEU D 179 -13.71 -3.51 -4.31
CA LEU D 179 -14.10 -4.88 -4.06
C LEU D 179 -12.89 -5.81 -4.02
N VAL D 180 -11.83 -5.49 -4.76
CA VAL D 180 -10.59 -6.25 -4.64
C VAL D 180 -10.04 -6.16 -3.21
N TYR D 181 -9.96 -4.95 -2.67
CA TYR D 181 -9.49 -4.79 -1.29
C TYR D 181 -10.46 -5.38 -0.25
N PHE D 182 -11.77 -5.28 -0.51
CA PHE D 182 -12.78 -5.86 0.39
C PHE D 182 -12.63 -7.39 0.50
N GLN D 183 -12.38 -8.06 -0.62
CA GLN D 183 -12.27 -9.53 -0.63
C GLN D 183 -11.05 -9.99 0.15
N ARG D 184 -9.95 -9.24 0.09
CA ARG D 184 -8.77 -9.53 0.91
C ARG D 184 -9.06 -9.31 2.39
N TYR D 185 -9.77 -8.23 2.71
CA TYR D 185 -10.14 -7.95 4.10
C TYR D 185 -10.94 -9.12 4.68
N VAL D 186 -11.91 -9.61 3.91
CA VAL D 186 -12.77 -10.74 4.31
C VAL D 186 -11.91 -11.97 4.57
N TRP D 187 -10.95 -12.25 3.70
CA TRP D 187 -10.07 -13.42 3.87
C TRP D 187 -9.07 -13.26 5.03
N TRP D 188 -8.62 -12.05 5.33
CA TRP D 188 -7.89 -11.82 6.59
C TRP D 188 -8.72 -12.25 7.79
N LYS D 189 -9.99 -11.84 7.83
CA LYS D 189 -10.90 -12.22 8.91
C LYS D 189 -11.17 -13.74 8.97
N LYS D 190 -11.35 -14.38 7.80
CA LYS D 190 -11.59 -15.82 7.69
C LYS D 190 -10.41 -16.70 8.07
N SER D 191 -9.20 -16.15 8.01
CA SER D 191 -7.98 -16.89 8.30
C SER D 191 -7.52 -16.84 9.76
N LEU D 192 -8.24 -16.10 10.60
CA LEU D 192 -7.88 -15.94 12.02
C LEU D 192 -7.98 -17.30 12.73
N GLU D 193 -7.15 -17.52 13.74
CA GLU D 193 -7.03 -18.84 14.38
C GLU D 193 -8.27 -19.21 15.21
N VAL D 194 -9.06 -18.23 15.63
CA VAL D 194 -10.33 -18.53 16.30
C VAL D 194 -11.29 -19.45 15.50
N TRP D 195 -11.23 -19.39 14.18
CA TRP D 195 -12.15 -20.20 13.33
C TRP D 195 -11.59 -21.59 13.15
N THR D 196 -12.39 -22.59 13.54
CA THR D 196 -12.04 -23.99 13.51
C THR D 196 -13.25 -24.82 13.08
N LYS D 197 -13.05 -26.12 12.93
CA LYS D 197 -14.17 -27.03 12.64
C LYS D 197 -15.25 -27.01 13.73
N ASP D 198 -14.84 -26.90 15.00
CA ASP D 198 -15.79 -26.80 16.10
C ASP D 198 -16.41 -25.40 16.25
N HIS D 199 -15.73 -24.38 15.74
CA HIS D 199 -16.09 -22.97 15.92
C HIS D 199 -15.95 -22.25 14.58
N PRO D 200 -16.84 -22.54 13.62
CA PRO D 200 -16.65 -22.03 12.25
C PRO D 200 -17.02 -20.56 12.07
N PHE D 201 -16.37 -19.96 11.08
CA PHE D 201 -16.78 -18.69 10.52
C PHE D 201 -18.28 -18.71 10.19
N PRO D 202 -19.05 -17.71 10.64
CA PRO D 202 -20.52 -17.76 10.50
C PRO D 202 -20.99 -17.74 9.03
N ILE D 203 -21.72 -18.77 8.62
CA ILE D 203 -22.16 -18.90 7.24
C ILE D 203 -23.11 -17.75 6.83
N ASP D 204 -23.82 -17.15 7.77
CA ASP D 204 -24.72 -16.05 7.42
C ASP D 204 -23.95 -14.82 6.92
N ILE D 205 -22.72 -14.64 7.42
CA ILE D 205 -21.85 -13.56 6.92
C ILE D 205 -21.32 -13.90 5.52
N ASP D 206 -20.96 -15.16 5.27
CA ASP D 206 -20.56 -15.60 3.94
C ASP D 206 -21.65 -15.29 2.94
N TYR D 207 -22.89 -15.62 3.28
CA TYR D 207 -24.04 -15.41 2.38
C TYR D 207 -24.30 -13.91 2.17
N MET D 208 -24.11 -13.14 3.23
CA MET D 208 -24.29 -11.71 3.15
C MET D 208 -23.33 -11.13 2.13
N ILE D 209 -22.06 -11.52 2.23
CA ILE D 209 -21.05 -11.12 1.24
C ILE D 209 -21.42 -11.56 -0.17
N SER D 210 -21.68 -12.85 -0.37
CA SER D 210 -21.96 -13.35 -1.71
C SER D 210 -23.22 -12.71 -2.33
N ASP D 211 -24.28 -12.54 -1.54
CA ASP D 211 -25.52 -11.92 -2.05
C ASP D 211 -25.28 -10.46 -2.47
N THR D 212 -24.49 -9.72 -1.68
CA THR D 212 -24.20 -8.32 -2.00
C THR D 212 -23.34 -8.17 -3.25
N LEU D 213 -22.28 -8.95 -3.33
CA LEU D 213 -21.34 -8.85 -4.44
C LEU D 213 -21.95 -9.34 -5.76
N GLU D 214 -22.75 -10.39 -5.71
CA GLU D 214 -23.36 -10.94 -6.92
C GLU D 214 -24.46 -10.02 -7.47
N LEU D 215 -25.10 -9.27 -6.58
CA LEU D 215 -26.13 -8.30 -6.96
C LEU D 215 -25.48 -7.14 -7.74
N LEU D 216 -24.31 -6.71 -7.28
CA LEU D 216 -23.55 -5.64 -7.93
C LEU D 216 -22.87 -6.07 -9.24
N ARG D 217 -22.34 -7.29 -9.23
CA ARG D 217 -21.49 -7.83 -10.29
C ARG D 217 -21.78 -9.33 -10.49
N PRO D 218 -22.84 -9.64 -11.23
CA PRO D 218 -23.27 -11.04 -11.45
C PRO D 218 -22.18 -12.05 -11.87
N LYS D 219 -21.15 -11.58 -12.58
CA LYS D 219 -20.07 -12.44 -13.03
C LYS D 219 -18.79 -12.37 -12.20
N ILE D 220 -18.86 -11.70 -11.05
CA ILE D 220 -17.67 -11.52 -10.22
C ILE D 220 -17.07 -12.87 -9.84
N LYS D 221 -15.75 -12.92 -9.72
CA LYS D 221 -15.08 -14.10 -9.21
C LYS D 221 -14.97 -13.93 -7.71
N LEU D 222 -15.69 -14.78 -6.97
CA LEU D 222 -15.56 -14.81 -5.51
C LEU D 222 -14.37 -15.68 -5.13
N CYS D 223 -13.39 -15.07 -4.46
CA CYS D 223 -12.17 -15.75 -4.08
C CYS D 223 -12.46 -16.93 -3.14
N ASN D 224 -11.80 -18.07 -3.36
CA ASN D 224 -11.96 -19.25 -2.51
C ASN D 224 -10.80 -19.50 -1.55
N SER D 225 -9.87 -18.56 -1.47
CA SER D 225 -8.77 -18.63 -0.51
C SER D 225 -8.16 -17.25 -0.21
N LEU D 226 -7.39 -17.17 0.87
CA LEU D 226 -6.59 -15.98 1.15
C LEU D 226 -5.57 -15.73 0.07
N GLU D 227 -4.96 -16.81 -0.42
CA GLU D 227 -3.91 -16.74 -1.44
C GLU D 227 -4.44 -16.08 -2.72
N GLU D 228 -5.61 -16.51 -3.18
CA GLU D 228 -6.27 -15.90 -4.33
C GLU D 228 -6.59 -14.41 -4.14
N SER D 229 -7.08 -14.04 -2.96
CA SER D 229 -7.41 -12.65 -2.67
C SER D 229 -6.16 -11.76 -2.67
N ILE D 230 -5.03 -12.28 -2.18
CA ILE D 230 -3.77 -11.52 -2.17
C ILE D 230 -3.22 -11.35 -3.58
N ARG D 231 -3.39 -12.36 -4.43
CA ARG D 231 -2.94 -12.26 -5.82
C ARG D 231 -3.74 -11.18 -6.59
N GLN D 232 -5.05 -11.11 -6.37
CA GLN D 232 -5.86 -10.05 -6.97
C GLN D 232 -5.34 -8.67 -6.55
N VAL D 233 -5.04 -8.49 -5.26
CA VAL D 233 -4.50 -7.22 -4.77
C VAL D 233 -3.15 -6.93 -5.43
N GLN D 234 -2.28 -7.92 -5.50
CA GLN D 234 -0.95 -7.75 -6.09
C GLN D 234 -1.07 -7.32 -7.55
N ASP D 235 -1.97 -7.97 -8.28
CA ASP D 235 -2.15 -7.69 -9.70
C ASP D 235 -2.65 -6.28 -9.88
N LEU D 236 -3.58 -5.86 -9.04
CA LEU D 236 -4.11 -4.50 -9.08
C LEU D 236 -3.03 -3.45 -8.74
N GLU D 237 -2.21 -3.71 -7.74
CA GLU D 237 -1.16 -2.77 -7.34
C GLU D 237 0.01 -2.70 -8.34
N ARG D 238 0.16 -3.73 -9.17
CA ARG D 238 1.14 -3.70 -10.24
C ARG D 238 0.66 -2.68 -11.27
N GLU D 239 -0.65 -2.65 -11.55
CA GLU D 239 -1.24 -1.68 -12.45
C GLU D 239 -1.07 -0.25 -11.92
N PHE D 240 -1.42 -0.01 -10.64
CA PHE D 240 -1.19 1.30 -10.01
C PHE D 240 0.27 1.75 -10.13
N LEU D 241 1.18 0.83 -9.84
CA LEU D 241 2.62 1.11 -9.85
C LEU D 241 3.04 1.64 -11.22
N ILE D 242 2.54 1.01 -12.29
CA ILE D 242 2.82 1.45 -13.65
C ILE D 242 2.26 2.86 -13.91
N LYS D 243 1.03 3.12 -13.45
CA LYS D 243 0.45 4.45 -13.60
C LYS D 243 1.27 5.51 -12.84
N LEU D 244 1.69 5.20 -11.62
CA LEU D 244 2.43 6.16 -10.78
C LEU D 244 3.85 6.44 -11.27
N GLY D 245 4.44 5.47 -11.98
CA GLY D 245 5.79 5.62 -12.52
C GLY D 245 6.89 5.58 -11.47
N LEU D 246 6.74 4.73 -10.46
CA LEU D 246 7.72 4.64 -9.37
C LEU D 246 9.00 3.90 -9.77
N VAL D 247 8.91 3.08 -10.82
CA VAL D 247 10.02 2.26 -11.30
C VAL D 247 10.30 2.55 -12.78
N ASN D 248 9.26 2.55 -13.63
CA ASN D 248 9.45 2.73 -15.08
C ASN D 248 9.60 4.18 -15.56
#